data_8J8I
#
_entry.id   8J8I
#
_entity_poly.entity_id   1
_entity_poly.type   'polypeptide(L)'
_entity_poly.pdbx_seq_one_letter_code
;GLLDPKLSYLLLGILFIYGVILTALFLRVKFSRSADAPAYQQGQNQLYNELNLGRREEYDVLDKRRGRDPEVGGKPQRRK
NPQEGLYNELQKDKVAEAYSEIGVKGERRRGKGHDGLYQGLSTATKDTYDALHVQALPPR
;
_entity_poly.pdbx_strand_id   A
#
# COMPACT_ATOMS: atom_id res chain seq x y z
N PHE A 31 19.43 76.52 -33.98
CA PHE A 31 18.21 76.75 -33.15
C PHE A 31 16.99 76.80 -34.06
N SER A 32 17.18 76.53 -35.35
CA SER A 32 16.09 76.54 -36.32
C SER A 32 15.62 75.12 -36.61
N ARG A 33 16.57 74.20 -36.72
CA ARG A 33 16.24 72.80 -37.01
C ARG A 33 17.04 71.86 -36.10
N SER A 34 16.35 70.89 -35.51
CA SER A 34 17.02 69.94 -34.62
C SER A 34 17.30 70.59 -33.26
N ALA A 35 17.31 69.77 -32.21
CA ALA A 35 17.58 70.28 -30.87
C ALA A 35 16.38 71.06 -30.32
N ASP A 36 15.57 71.58 -31.24
CA ASP A 36 14.39 72.36 -30.88
C ASP A 36 13.12 71.71 -31.44
N ALA A 37 13.12 70.37 -31.51
CA ALA A 37 11.97 69.63 -32.02
C ALA A 37 11.39 68.72 -30.93
N PRO A 38 10.59 69.24 -30.03
CA PRO A 38 9.99 68.43 -28.93
C PRO A 38 8.80 67.61 -29.39
N ALA A 39 8.34 67.86 -30.61
CA ALA A 39 7.18 67.15 -31.19
C ALA A 39 6.22 66.71 -30.09
N TYR A 40 5.28 67.58 -29.75
CA TYR A 40 4.31 67.26 -28.69
C TYR A 40 3.50 66.03 -29.04
N GLN A 41 3.79 65.45 -30.21
CA GLN A 41 3.09 64.26 -30.66
C GLN A 41 3.99 63.43 -31.56
N GLN A 42 4.36 62.22 -31.12
CA GLN A 42 5.21 61.36 -31.90
C GLN A 42 5.38 60.02 -31.20
N GLY A 43 5.47 58.94 -31.98
CA GLY A 43 5.63 57.61 -31.42
C GLY A 43 4.28 56.96 -31.16
N GLN A 44 3.59 56.58 -32.24
CA GLN A 44 2.26 55.96 -32.15
C GLN A 44 1.24 56.92 -31.56
N ASN A 45 1.67 57.72 -30.60
CA ASN A 45 0.79 58.69 -29.95
C ASN A 45 1.53 59.42 -28.83
N GLN A 46 1.86 58.67 -27.79
CA GLN A 46 2.58 59.23 -26.64
C GLN A 46 1.93 60.55 -26.22
N LEU A 47 0.91 60.47 -25.35
CA LEU A 47 0.23 61.67 -24.88
C LEU A 47 0.17 61.67 -23.35
N TYR A 48 1.28 61.30 -22.73
CA TYR A 48 1.35 61.26 -21.27
C TYR A 48 0.39 60.22 -20.71
N ASN A 49 -0.42 59.64 -21.58
CA ASN A 49 -1.39 58.62 -21.17
C ASN A 49 -0.87 57.22 -21.50
N GLU A 50 -1.50 56.57 -22.47
CA GLU A 50 -1.09 55.23 -22.88
C GLU A 50 -1.17 54.27 -21.69
N LEU A 51 -0.11 54.24 -20.90
CA LEU A 51 -0.04 53.39 -19.73
C LEU A 51 -0.24 51.92 -20.14
N ASN A 52 -0.38 51.69 -21.43
CA ASN A 52 -0.57 50.33 -21.92
C ASN A 52 -1.73 49.66 -21.21
N LEU A 53 -2.95 49.92 -21.70
CA LEU A 53 -4.15 49.34 -21.11
C LEU A 53 -4.46 47.99 -21.76
N GLY A 54 -3.58 47.54 -22.64
CA GLY A 54 -3.77 46.26 -23.32
C GLY A 54 -4.27 45.20 -22.36
N ARG A 55 -3.36 44.54 -21.67
CA ARG A 55 -3.74 43.49 -20.73
C ARG A 55 -4.14 44.10 -19.38
N ARG A 56 -3.14 44.46 -18.59
CA ARG A 56 -3.40 45.05 -17.29
C ARG A 56 -4.35 44.17 -16.47
N GLU A 57 -4.61 42.97 -16.98
CA GLU A 57 -5.50 42.05 -16.30
C GLU A 57 -5.37 40.64 -16.88
N GLU A 58 -5.94 40.45 -18.07
CA GLU A 58 -5.88 39.15 -18.72
C GLU A 58 -4.44 38.81 -19.09
N TYR A 59 -3.74 38.12 -18.19
CA TYR A 59 -2.36 37.73 -18.44
C TYR A 59 -2.11 36.31 -17.91
N ASP A 60 -1.55 35.45 -18.75
CA ASP A 60 -1.25 34.08 -18.33
C ASP A 60 -2.45 33.47 -17.60
N VAL A 61 -3.64 33.83 -18.04
CA VAL A 61 -4.86 33.33 -17.42
C VAL A 61 -4.96 31.82 -17.59
N LEU A 62 -4.46 31.33 -18.71
CA LEU A 62 -4.50 29.90 -19.01
C LEU A 62 -3.18 29.24 -18.64
N ASP A 63 -2.20 30.05 -18.27
CA ASP A 63 -0.89 29.54 -17.88
C ASP A 63 -0.47 28.39 -18.79
N LYS A 64 0.26 28.72 -19.86
CA LYS A 64 0.70 27.71 -20.80
C LYS A 64 -0.43 26.75 -21.14
N ARG A 65 -1.66 27.16 -20.84
CA ARG A 65 -2.83 26.34 -21.13
C ARG A 65 -2.53 24.86 -20.89
N ARG A 66 -3.26 23.99 -21.58
CA ARG A 66 -3.05 22.56 -21.45
C ARG A 66 -2.94 22.16 -19.98
N GLY A 67 -4.02 21.65 -19.44
CA GLY A 67 -4.05 21.23 -18.05
C GLY A 67 -5.47 21.10 -17.55
N ARG A 68 -6.25 22.18 -17.70
CA ARG A 68 -7.66 22.19 -17.25
C ARG A 68 -7.85 21.30 -16.04
N ASP A 69 -6.84 21.28 -15.18
CA ASP A 69 -6.88 20.45 -13.98
C ASP A 69 -6.99 21.30 -12.71
N PRO A 70 -7.58 20.79 -11.65
CA PRO A 70 -7.72 21.53 -10.36
C PRO A 70 -6.38 21.76 -9.68
N GLU A 71 -5.31 21.74 -10.47
CA GLU A 71 -3.96 21.95 -9.93
C GLU A 71 -3.70 20.96 -8.79
N VAL A 72 -3.81 19.67 -9.10
CA VAL A 72 -3.59 18.62 -8.10
C VAL A 72 -4.06 19.06 -6.72
N GLY A 73 -5.08 19.89 -6.70
CA GLY A 73 -5.61 20.39 -5.45
C GLY A 73 -5.82 19.26 -4.45
N GLY A 74 -6.10 18.07 -4.97
CA GLY A 74 -6.31 16.91 -4.11
C GLY A 74 -6.94 15.76 -4.90
N LYS A 75 -6.10 14.92 -5.51
CA LYS A 75 -6.59 13.79 -6.29
C LYS A 75 -5.64 12.59 -6.13
N PRO A 76 -5.31 12.26 -4.92
CA PRO A 76 -4.39 11.12 -4.61
C PRO A 76 -4.95 9.79 -5.12
N GLN A 77 -6.27 9.70 -5.12
CA GLN A 77 -6.95 8.49 -5.58
C GLN A 77 -6.33 7.99 -6.89
N ARG A 78 -5.63 8.89 -7.58
CA ARG A 78 -5.00 8.54 -8.85
C ARG A 78 -3.62 7.92 -8.61
N ARG A 79 -3.40 6.72 -9.15
CA ARG A 79 -2.13 6.03 -8.99
C ARG A 79 -1.82 5.21 -10.24
N LYS A 80 -0.56 4.84 -10.40
CA LYS A 80 -0.15 4.04 -11.54
C LYS A 80 0.71 2.88 -11.09
N ASN A 81 0.21 2.10 -10.15
CA ASN A 81 0.95 0.96 -9.65
C ASN A 81 0.03 -0.07 -9.00
N PRO A 82 0.39 -1.34 -9.01
CA PRO A 82 -0.45 -2.40 -8.38
C PRO A 82 -0.53 -2.26 -6.86
N GLN A 83 -1.69 -2.57 -6.28
CA GLN A 83 -1.88 -2.46 -4.82
C GLN A 83 -2.73 -3.62 -4.32
N GLU A 84 -2.96 -4.59 -5.20
CA GLU A 84 -3.76 -5.76 -4.85
C GLU A 84 -2.91 -6.76 -4.07
N GLY A 85 -2.34 -6.32 -2.95
CA GLY A 85 -1.52 -7.19 -2.14
C GLY A 85 -2.32 -8.39 -1.63
N LEU A 86 -3.47 -8.11 -1.06
CA LEU A 86 -4.33 -9.18 -0.53
C LEU A 86 -4.94 -9.99 -1.67
N TYR A 87 -5.13 -9.34 -2.81
CA TYR A 87 -5.73 -10.00 -3.98
C TYR A 87 -4.71 -10.06 -5.13
N ASN A 88 -3.46 -10.33 -4.77
CA ASN A 88 -2.41 -10.42 -5.77
C ASN A 88 -2.62 -11.61 -6.69
N GLU A 89 -2.25 -11.44 -7.95
CA GLU A 89 -2.41 -12.49 -8.93
C GLU A 89 -3.78 -13.12 -8.79
N LEU A 90 -4.82 -12.44 -9.31
CA LEU A 90 -6.20 -12.92 -9.26
C LEU A 90 -6.39 -13.97 -8.18
N GLN A 91 -5.83 -13.68 -7.00
CA GLN A 91 -5.88 -14.63 -5.88
C GLN A 91 -7.24 -15.33 -5.83
N LYS A 92 -7.21 -16.66 -5.92
CA LYS A 92 -8.46 -17.43 -5.88
C LYS A 92 -8.19 -18.83 -5.32
N ASP A 93 -7.37 -18.90 -4.28
CA ASP A 93 -7.07 -20.18 -3.66
C ASP A 93 -6.63 -21.20 -4.71
N LYS A 94 -5.78 -20.77 -5.64
CA LYS A 94 -5.29 -21.64 -6.70
C LYS A 94 -3.94 -22.23 -6.33
N VAL A 95 -3.37 -21.72 -5.25
CA VAL A 95 -2.06 -22.20 -4.80
C VAL A 95 -1.90 -22.00 -3.29
N ALA A 96 -2.88 -22.46 -2.54
CA ALA A 96 -2.85 -22.34 -1.08
C ALA A 96 -2.72 -20.87 -0.68
N GLU A 97 -3.71 -20.36 0.08
CA GLU A 97 -3.69 -18.96 0.52
C GLU A 97 -3.55 -18.90 2.03
N ALA A 98 -2.32 -19.10 2.51
CA ALA A 98 -2.04 -19.07 3.95
C ALA A 98 -2.71 -20.26 4.64
N TYR A 99 -2.74 -21.40 3.96
CA TYR A 99 -3.33 -22.62 4.51
C TYR A 99 -2.26 -23.69 4.70
N SER A 100 -1.77 -23.83 5.93
CA SER A 100 -0.74 -24.83 6.21
C SER A 100 0.52 -24.53 5.42
N GLU A 101 0.75 -23.26 5.09
CA GLU A 101 1.93 -22.86 4.32
C GLU A 101 2.91 -22.09 5.20
N ILE A 102 3.20 -22.65 6.37
CA ILE A 102 4.12 -22.02 7.32
C ILE A 102 5.28 -22.98 7.66
N GLY A 103 5.60 -23.86 6.72
CA GLY A 103 6.68 -24.81 6.94
C GLY A 103 6.46 -26.06 6.10
N VAL A 104 5.26 -26.63 6.19
CA VAL A 104 4.94 -27.83 5.43
C VAL A 104 5.92 -28.94 5.77
N LYS A 105 5.99 -29.29 7.04
CA LYS A 105 6.90 -30.34 7.51
C LYS A 105 8.34 -29.91 7.33
N GLY A 106 8.55 -28.77 6.70
CA GLY A 106 9.89 -28.26 6.46
C GLY A 106 10.67 -29.19 5.54
N GLU A 107 11.99 -28.98 5.46
CA GLU A 107 12.83 -29.82 4.61
C GLU A 107 14.25 -29.88 5.18
N ARG A 108 14.59 -31.02 5.79
CA ARG A 108 15.91 -31.19 6.38
C ARG A 108 16.36 -32.64 6.25
N ARG A 109 17.67 -32.86 6.32
CA ARG A 109 18.22 -34.21 6.21
C ARG A 109 19.50 -34.33 7.04
N ARG A 110 19.36 -34.80 8.27
CA ARG A 110 20.51 -34.97 9.16
C ARG A 110 20.37 -36.24 9.98
N GLY A 111 19.29 -36.99 9.73
CA GLY A 111 19.07 -38.23 10.44
C GLY A 111 18.61 -37.97 11.89
N LYS A 112 18.77 -38.97 12.75
CA LYS A 112 18.38 -38.82 14.15
C LYS A 112 16.88 -38.57 14.27
N GLY A 113 16.12 -39.63 14.52
CA GLY A 113 14.67 -39.51 14.64
C GLY A 113 14.03 -40.88 14.90
N HIS A 114 13.81 -41.63 13.83
CA HIS A 114 13.20 -42.95 13.95
C HIS A 114 12.01 -42.90 14.89
N ASP A 115 10.89 -42.39 14.38
CA ASP A 115 9.67 -42.30 15.17
C ASP A 115 8.48 -41.95 14.29
N GLY A 116 7.30 -42.48 14.64
CA GLY A 116 6.09 -42.21 13.86
C GLY A 116 5.19 -43.43 13.83
N LEU A 117 5.52 -44.40 12.99
CA LEU A 117 4.73 -45.62 12.88
C LEU A 117 5.01 -46.53 14.06
N TYR A 118 3.95 -47.14 14.59
CA TYR A 118 4.05 -48.05 15.73
C TYR A 118 5.29 -48.93 15.60
N GLN A 119 6.42 -48.43 16.08
CA GLN A 119 7.67 -49.17 16.00
C GLN A 119 7.56 -50.46 16.79
N GLY A 120 8.23 -50.51 17.93
CA GLY A 120 8.20 -51.71 18.77
C GLY A 120 6.78 -51.99 19.25
N LEU A 121 6.55 -53.22 19.71
CA LEU A 121 5.24 -53.63 20.18
C LEU A 121 5.36 -54.56 21.38
N SER A 122 6.60 -54.85 21.77
CA SER A 122 6.85 -55.74 22.90
C SER A 122 5.94 -56.97 22.82
N THR A 123 5.17 -57.20 23.89
CA THR A 123 4.26 -58.34 23.95
C THR A 123 5.04 -59.65 24.03
N ALA A 124 6.15 -59.72 23.31
CA ALA A 124 6.98 -60.92 23.32
C ALA A 124 7.52 -61.19 24.72
N THR A 125 7.66 -60.13 25.51
CA THR A 125 8.17 -60.24 26.88
C THR A 125 7.03 -60.20 27.89
N LYS A 126 6.92 -59.09 28.62
CA LYS A 126 5.87 -58.95 29.61
C LYS A 126 5.80 -60.18 30.50
N ASP A 127 4.65 -60.84 30.51
CA ASP A 127 4.45 -62.05 31.32
C ASP A 127 4.31 -63.28 30.45
N THR A 128 4.94 -63.23 29.27
CA THR A 128 4.88 -64.35 28.34
C THR A 128 3.43 -64.77 28.12
N TYR A 129 2.87 -64.36 26.98
CA TYR A 129 1.49 -64.70 26.65
C TYR A 129 1.40 -66.12 26.11
N ASP A 130 1.96 -66.34 24.92
CA ASP A 130 1.92 -67.66 24.28
C ASP A 130 3.17 -68.46 24.64
N ALA A 131 3.81 -68.09 25.75
CA ALA A 131 5.02 -68.77 26.19
C ALA A 131 6.19 -68.42 25.27
N LEU A 132 6.91 -67.35 25.63
CA LEU A 132 8.06 -66.90 24.81
C LEU A 132 9.37 -67.19 25.54
N HIS A 133 9.38 -68.23 26.35
CA HIS A 133 10.57 -68.59 27.10
C HIS A 133 10.66 -70.11 27.23
N VAL A 134 11.32 -70.58 28.28
CA VAL A 134 11.46 -72.00 28.51
C VAL A 134 12.33 -72.62 27.42
N GLN A 135 13.31 -71.86 26.94
CA GLN A 135 14.20 -72.35 25.92
C GLN A 135 15.22 -71.25 25.55
N ALA A 136 16.46 -71.67 25.33
CA ALA A 136 17.51 -70.73 24.96
C ALA A 136 18.64 -71.47 24.26
N LEU A 137 19.00 -71.03 23.06
CA LEU A 137 20.08 -71.65 22.30
C LEU A 137 20.79 -70.61 21.44
N PRO A 138 21.58 -69.77 22.05
CA PRO A 138 22.31 -68.70 21.31
C PRO A 138 23.23 -69.28 20.22
N PRO A 139 23.28 -68.67 19.05
CA PRO A 139 24.17 -69.14 17.94
C PRO A 139 25.59 -69.46 18.42
N ARG A 140 26.02 -68.77 19.46
CA ARG A 140 27.37 -68.98 20.01
C ARG A 140 27.35 -68.88 21.54
N PHE A 31 2.87 89.81 -11.85
CA PHE A 31 2.10 88.63 -12.34
C PHE A 31 2.71 87.36 -11.74
N SER A 32 1.84 86.42 -11.38
CA SER A 32 2.30 85.16 -10.78
C SER A 32 1.25 84.06 -10.98
N ARG A 33 0.16 84.41 -11.66
CA ARG A 33 -0.91 83.45 -11.92
C ARG A 33 -1.68 83.81 -13.18
N SER A 34 -2.24 82.81 -13.85
CA SER A 34 -2.99 83.04 -15.06
C SER A 34 -2.06 83.52 -16.17
N ALA A 35 -2.50 83.34 -17.41
CA ALA A 35 -1.71 83.76 -18.57
C ALA A 35 -0.51 82.84 -18.76
N ASP A 36 -0.05 82.25 -17.68
CA ASP A 36 1.09 81.35 -17.73
C ASP A 36 0.87 80.27 -18.77
N ALA A 37 -0.41 80.08 -19.15
CA ALA A 37 -0.77 79.06 -20.14
C ALA A 37 0.33 78.96 -21.23
N PRO A 38 1.23 78.00 -21.18
CA PRO A 38 2.32 77.89 -22.18
C PRO A 38 1.84 77.26 -23.49
N ALA A 39 0.58 76.86 -23.53
CA ALA A 39 0.02 76.24 -24.71
C ALA A 39 0.78 74.98 -25.05
N TYR A 40 0.09 74.02 -25.66
CA TYR A 40 0.71 72.76 -26.04
C TYR A 40 0.91 71.86 -24.83
N GLN A 41 0.71 72.42 -23.65
CA GLN A 41 0.87 71.66 -22.42
C GLN A 41 0.17 72.37 -21.26
N GLN A 42 -1.14 72.17 -21.14
CA GLN A 42 -1.92 72.79 -20.08
C GLN A 42 -2.97 71.82 -19.56
N GLY A 43 -2.62 71.06 -18.53
CA GLY A 43 -3.53 70.09 -17.96
C GLY A 43 -2.87 69.34 -16.81
N GLN A 44 -3.44 68.20 -16.44
CA GLN A 44 -2.89 67.38 -15.34
C GLN A 44 -2.07 66.23 -15.90
N ASN A 45 -1.04 66.56 -16.67
CA ASN A 45 -0.17 65.54 -17.26
C ASN A 45 -0.99 64.53 -18.07
N GLN A 46 -1.84 65.04 -18.95
CA GLN A 46 -2.69 64.18 -19.78
C GLN A 46 -1.82 63.29 -20.66
N LEU A 47 -0.65 63.81 -21.03
CA LEU A 47 0.27 63.07 -21.88
C LEU A 47 -0.47 62.49 -23.09
N TYR A 48 -0.62 63.30 -24.13
CA TYR A 48 -1.32 62.87 -25.34
C TYR A 48 -0.31 62.45 -26.42
N ASN A 49 0.65 61.63 -26.02
CA ASN A 49 1.69 61.15 -26.94
C ASN A 49 1.53 59.65 -27.22
N GLU A 50 0.89 58.95 -26.28
CA GLU A 50 0.68 57.52 -26.44
C GLU A 50 -0.33 57.01 -25.42
N LEU A 51 -0.45 55.69 -25.32
CA LEU A 51 -1.38 55.10 -24.38
C LEU A 51 -1.09 53.60 -24.22
N ASN A 52 -1.04 53.13 -22.98
CA ASN A 52 -0.77 51.71 -22.71
C ASN A 52 -2.07 50.92 -22.70
N LEU A 53 -3.16 51.55 -23.13
CA LEU A 53 -4.46 50.91 -23.17
C LEU A 53 -5.01 50.71 -21.75
N GLY A 54 -4.11 50.45 -20.81
CA GLY A 54 -4.50 50.26 -19.41
C GLY A 54 -3.77 49.07 -18.80
N ARG A 55 -3.73 47.96 -19.54
CA ARG A 55 -3.05 46.75 -19.05
C ARG A 55 -2.75 45.81 -20.23
N ARG A 56 -3.78 45.26 -20.87
CA ARG A 56 -3.61 44.34 -22.00
C ARG A 56 -2.41 43.42 -21.77
N GLU A 57 -2.08 43.21 -20.50
CA GLU A 57 -0.94 42.35 -20.12
C GLU A 57 -1.40 41.23 -19.19
N GLU A 58 -1.50 41.54 -17.91
CA GLU A 58 -1.92 40.53 -16.93
C GLU A 58 -3.42 40.33 -17.00
N TYR A 59 -3.87 39.55 -17.99
CA TYR A 59 -5.30 39.27 -18.16
C TYR A 59 -5.53 37.75 -18.22
N ASP A 60 -5.89 37.16 -17.08
CA ASP A 60 -6.14 35.72 -17.03
C ASP A 60 -4.89 34.93 -17.42
N VAL A 61 -3.82 35.65 -17.74
CA VAL A 61 -2.56 35.01 -18.12
C VAL A 61 -1.96 34.25 -16.95
N LEU A 62 -2.36 34.64 -15.74
CA LEU A 62 -1.86 34.00 -14.51
C LEU A 62 -3.02 33.40 -13.71
N ASP A 63 -2.73 32.35 -12.96
CA ASP A 63 -3.75 31.70 -12.14
C ASP A 63 -4.13 32.55 -10.95
N LYS A 64 -3.98 33.86 -11.10
CA LYS A 64 -4.30 34.80 -10.03
C LYS A 64 -3.43 34.56 -8.81
N ARG A 65 -2.87 33.36 -8.73
CA ARG A 65 -2.00 33.01 -7.61
C ARG A 65 -1.30 31.68 -7.88
N ARG A 66 -2.09 30.66 -8.22
CA ARG A 66 -1.55 29.34 -8.50
C ARG A 66 -2.57 28.47 -9.22
N GLY A 67 -2.11 27.74 -10.23
CA GLY A 67 -2.99 26.87 -10.99
C GLY A 67 -2.22 26.15 -12.11
N ARG A 68 -1.22 25.37 -11.71
CA ARG A 68 -0.41 24.63 -12.68
C ARG A 68 -0.91 23.19 -12.78
N ASP A 69 -1.77 22.91 -13.76
CA ASP A 69 -2.28 21.56 -13.93
C ASP A 69 -2.74 21.34 -15.38
N PRO A 70 -2.78 20.12 -15.84
CA PRO A 70 -3.22 19.80 -17.23
C PRO A 70 -4.69 20.11 -17.46
N GLU A 71 -5.26 21.02 -16.65
CA GLU A 71 -6.66 21.41 -16.77
C GLU A 71 -7.52 20.23 -17.23
N VAL A 72 -7.86 19.33 -16.30
CA VAL A 72 -8.68 18.15 -16.63
C VAL A 72 -8.31 17.61 -18.01
N GLY A 73 -7.52 16.55 -18.02
CA GLY A 73 -7.09 15.94 -19.27
C GLY A 73 -5.90 15.01 -19.06
N GLY A 74 -4.84 15.52 -18.44
CA GLY A 74 -3.66 14.71 -18.20
C GLY A 74 -4.01 13.52 -17.30
N LYS A 75 -5.00 13.72 -16.44
CA LYS A 75 -5.44 12.66 -15.52
C LYS A 75 -4.25 12.20 -14.67
N PRO A 76 -3.72 13.09 -13.86
CA PRO A 76 -2.56 12.77 -12.97
C PRO A 76 -3.00 11.96 -11.75
N GLN A 77 -3.79 10.93 -11.99
CA GLN A 77 -4.29 10.07 -10.91
C GLN A 77 -5.18 8.97 -11.46
N ARG A 78 -4.57 7.92 -11.97
CA ARG A 78 -5.34 6.81 -12.52
C ARG A 78 -5.94 5.98 -11.39
N ARG A 79 -7.29 6.00 -11.25
CA ARG A 79 -7.99 5.25 -10.20
C ARG A 79 -7.03 4.65 -9.17
N LYS A 80 -6.66 5.44 -8.17
CA LYS A 80 -5.74 4.98 -7.14
C LYS A 80 -6.21 5.41 -5.77
N ASN A 81 -6.73 4.47 -4.99
CA ASN A 81 -7.23 4.80 -3.66
C ASN A 81 -7.16 3.55 -2.76
N PRO A 82 -7.19 3.72 -1.46
CA PRO A 82 -7.15 2.59 -0.50
C PRO A 82 -7.98 1.39 -0.99
N GLN A 83 -7.37 0.53 -1.78
CA GLN A 83 -8.07 -0.65 -2.30
C GLN A 83 -7.07 -1.68 -2.81
N GLU A 84 -6.68 -2.61 -1.94
CA GLU A 84 -5.72 -3.65 -2.32
C GLU A 84 -6.25 -5.03 -1.93
N GLY A 85 -7.52 -5.27 -2.21
CA GLY A 85 -8.16 -6.55 -1.89
C GLY A 85 -8.01 -7.54 -3.04
N LEU A 86 -8.79 -7.33 -4.10
CA LEU A 86 -8.74 -8.21 -5.27
C LEU A 86 -7.52 -7.88 -6.13
N TYR A 87 -6.80 -6.83 -5.75
CA TYR A 87 -5.62 -6.41 -6.49
C TYR A 87 -4.36 -6.93 -5.82
N ASN A 88 -4.54 -7.74 -4.78
CA ASN A 88 -3.42 -8.32 -4.05
C ASN A 88 -3.91 -9.38 -3.05
N GLU A 89 -3.37 -9.33 -1.84
CA GLU A 89 -3.75 -10.28 -0.81
C GLU A 89 -3.48 -11.71 -1.29
N LEU A 90 -2.20 -12.06 -1.39
CA LEU A 90 -1.81 -13.40 -1.83
C LEU A 90 -2.68 -13.86 -2.99
N GLN A 91 -2.45 -13.27 -4.17
CA GLN A 91 -3.21 -13.63 -5.39
C GLN A 91 -3.66 -15.10 -5.35
N LYS A 92 -2.87 -15.97 -5.97
CA LYS A 92 -3.19 -17.40 -6.01
C LYS A 92 -2.04 -18.19 -5.41
N ASP A 93 -2.33 -19.41 -4.95
CA ASP A 93 -1.32 -20.26 -4.35
C ASP A 93 -1.10 -19.84 -2.90
N LYS A 94 -0.38 -20.68 -2.18
CA LYS A 94 -0.08 -20.42 -0.76
C LYS A 94 -1.36 -20.41 0.07
N VAL A 95 -2.49 -20.55 -0.61
CA VAL A 95 -3.80 -20.56 0.06
C VAL A 95 -4.81 -21.39 -0.72
N ALA A 96 -4.39 -22.58 -1.14
CA ALA A 96 -5.26 -23.47 -1.90
C ALA A 96 -4.65 -24.86 -1.99
N GLU A 97 -3.42 -24.99 -1.51
CA GLU A 97 -2.73 -26.28 -1.54
C GLU A 97 -3.11 -27.11 -0.31
N ALA A 98 -3.51 -26.42 0.75
CA ALA A 98 -3.91 -27.09 1.99
C ALA A 98 -5.30 -26.64 2.44
N TYR A 99 -6.11 -26.18 1.47
CA TYR A 99 -7.47 -25.70 1.79
C TYR A 99 -7.47 -24.94 3.10
N SER A 100 -6.89 -23.75 3.06
CA SER A 100 -6.82 -22.91 4.24
C SER A 100 -6.34 -23.72 5.45
N GLU A 101 -5.74 -24.90 5.19
CA GLU A 101 -5.24 -25.77 6.28
C GLU A 101 -6.10 -25.65 7.54
N ILE A 102 -7.36 -26.08 7.43
CA ILE A 102 -8.29 -26.01 8.56
C ILE A 102 -8.28 -27.29 9.38
N GLY A 103 -7.49 -28.26 8.91
CA GLY A 103 -7.38 -29.55 9.58
C GLY A 103 -5.91 -29.93 9.79
N VAL A 104 -5.33 -29.46 10.90
CA VAL A 104 -3.93 -29.77 11.21
C VAL A 104 -3.83 -30.31 12.64
N LYS A 105 -4.68 -31.28 12.96
CA LYS A 105 -4.68 -31.88 14.29
C LYS A 105 -4.65 -30.79 15.36
N GLY A 106 -4.91 -29.55 14.96
CA GLY A 106 -4.91 -28.44 15.91
C GLY A 106 -3.65 -28.46 16.76
N GLU A 107 -3.71 -27.85 17.94
CA GLU A 107 -2.55 -27.81 18.83
C GLU A 107 -2.97 -27.36 20.22
N ARG A 108 -2.88 -28.27 21.19
CA ARG A 108 -3.25 -27.95 22.57
C ARG A 108 -2.59 -28.92 23.54
N ARG A 109 -1.99 -28.38 24.59
CA ARG A 109 -1.32 -29.21 25.58
C ARG A 109 -2.24 -30.35 26.03
N ARG A 110 -3.29 -29.99 26.75
CA ARG A 110 -4.24 -31.00 27.24
C ARG A 110 -5.13 -31.48 26.09
N GLY A 111 -5.42 -32.78 26.09
CA GLY A 111 -6.26 -33.36 25.04
C GLY A 111 -6.37 -34.87 25.20
N LYS A 112 -5.31 -35.48 25.73
CA LYS A 112 -5.29 -36.92 25.95
C LYS A 112 -5.53 -37.66 24.63
N GLY A 113 -4.45 -37.97 23.92
CA GLY A 113 -4.57 -38.69 22.65
C GLY A 113 -3.24 -39.31 22.25
N HIS A 114 -3.28 -40.31 21.39
CA HIS A 114 -2.06 -40.98 20.94
C HIS A 114 -1.31 -41.58 22.12
N ASP A 115 -1.42 -42.90 22.30
CA ASP A 115 -0.76 -43.59 23.40
C ASP A 115 -0.28 -44.97 22.97
N GLY A 116 0.02 -45.10 21.68
CA GLY A 116 0.48 -46.38 21.13
C GLY A 116 0.56 -46.33 19.61
N LEU A 117 1.73 -46.67 19.07
CA LEU A 117 1.93 -46.66 17.62
C LEU A 117 2.46 -48.00 17.15
N TYR A 118 1.96 -48.46 16.01
CA TYR A 118 2.38 -49.75 15.45
C TYR A 118 2.39 -50.82 16.54
N GLN A 119 1.20 -51.11 17.08
CA GLN A 119 1.09 -52.12 18.13
C GLN A 119 2.04 -51.82 19.29
N GLY A 120 2.70 -50.66 19.22
CA GLY A 120 3.63 -50.27 20.27
C GLY A 120 4.73 -51.31 20.43
N LEU A 121 5.72 -50.99 21.26
CA LEU A 121 6.82 -51.91 21.50
C LEU A 121 6.36 -53.06 22.39
N SER A 122 6.91 -54.25 22.13
CA SER A 122 6.55 -55.43 22.91
C SER A 122 7.67 -56.46 22.84
N THR A 123 7.31 -57.71 22.60
CA THR A 123 8.29 -58.79 22.52
C THR A 123 8.96 -59.00 23.88
N ALA A 124 8.83 -58.02 24.77
CA ALA A 124 9.41 -58.11 26.10
C ALA A 124 8.77 -59.24 26.90
N THR A 125 7.47 -59.44 26.69
CA THR A 125 6.73 -60.49 27.41
C THR A 125 5.80 -61.23 26.45
N LYS A 126 5.27 -60.51 25.47
CA LYS A 126 4.36 -61.12 24.51
C LYS A 126 5.08 -62.20 23.71
N ASP A 127 6.40 -62.27 23.85
CA ASP A 127 7.19 -63.26 23.13
C ASP A 127 7.14 -64.60 23.84
N THR A 128 6.46 -64.65 24.97
CA THR A 128 6.34 -65.89 25.74
C THR A 128 5.65 -66.96 24.91
N TYR A 129 6.38 -67.54 23.98
CA TYR A 129 5.83 -68.59 23.13
C TYR A 129 5.38 -69.78 23.97
N ASP A 130 6.20 -70.18 24.93
CA ASP A 130 5.87 -71.30 25.79
C ASP A 130 6.69 -71.24 27.09
N ALA A 131 6.55 -70.13 27.80
CA ALA A 131 7.28 -69.95 29.05
C ALA A 131 8.79 -70.04 28.82
N LEU A 132 9.57 -69.31 29.61
CA LEU A 132 11.02 -69.33 29.46
C LEU A 132 11.68 -69.06 30.81
N HIS A 133 12.39 -70.06 31.35
CA HIS A 133 13.06 -69.91 32.65
C HIS A 133 14.58 -69.90 32.45
N VAL A 134 15.18 -68.71 32.57
CA VAL A 134 16.62 -68.57 32.40
C VAL A 134 17.15 -67.47 33.30
N GLN A 135 16.81 -67.54 34.58
CA GLN A 135 17.24 -66.56 35.55
C GLN A 135 17.49 -67.25 36.90
N ALA A 136 18.46 -66.73 37.64
CA ALA A 136 18.82 -67.27 38.94
C ALA A 136 17.97 -66.61 40.02
N LEU A 137 17.01 -67.37 40.58
CA LEU A 137 16.10 -66.87 41.64
C LEU A 137 16.74 -65.68 42.37
N PRO A 138 16.53 -64.47 41.88
CA PRO A 138 17.14 -63.24 42.48
C PRO A 138 17.01 -63.21 44.02
N PRO A 139 18.08 -63.46 44.76
CA PRO A 139 18.01 -63.45 46.25
C PRO A 139 17.47 -62.12 46.80
N ARG A 140 16.79 -62.19 47.94
CA ARG A 140 16.23 -60.98 48.56
C ARG A 140 17.24 -59.84 48.52
N PHE A 31 -2.76 83.18 -36.47
CA PHE A 31 -3.89 82.95 -35.53
C PHE A 31 -3.38 82.21 -34.30
N SER A 32 -2.52 82.87 -33.53
CA SER A 32 -1.96 82.26 -32.33
C SER A 32 -3.02 82.17 -31.24
N ARG A 33 -2.82 81.26 -30.30
CA ARG A 33 -3.76 81.05 -29.22
C ARG A 33 -3.04 80.53 -27.97
N SER A 34 -2.27 81.40 -27.32
CA SER A 34 -1.53 81.03 -26.12
C SER A 34 -1.75 82.07 -25.02
N ALA A 35 -2.01 81.60 -23.81
CA ALA A 35 -2.24 82.49 -22.68
C ALA A 35 -3.57 83.23 -22.84
N ASP A 36 -4.12 83.19 -24.04
CA ASP A 36 -5.39 83.84 -24.32
C ASP A 36 -6.48 82.81 -24.61
N ALA A 37 -6.31 81.59 -24.11
CA ALA A 37 -7.30 80.56 -24.35
C ALA A 37 -7.08 79.36 -23.39
N PRO A 38 -7.95 78.38 -23.41
CA PRO A 38 -7.81 77.17 -22.55
C PRO A 38 -6.45 76.50 -22.69
N ALA A 39 -5.93 76.52 -23.90
CA ALA A 39 -4.64 75.91 -24.21
C ALA A 39 -4.75 74.38 -24.15
N TYR A 40 -5.50 73.88 -23.17
CA TYR A 40 -5.70 72.45 -23.01
C TYR A 40 -4.38 71.69 -23.18
N GLN A 41 -3.28 72.43 -23.15
CA GLN A 41 -1.95 71.84 -23.32
C GLN A 41 -0.98 72.37 -22.26
N GLN A 42 -0.67 71.54 -21.27
CA GLN A 42 0.24 71.94 -20.21
C GLN A 42 0.56 70.74 -19.32
N GLY A 43 1.34 69.81 -19.85
CA GLY A 43 1.70 68.62 -19.10
C GLY A 43 2.72 67.79 -19.88
N GLN A 44 2.80 66.49 -19.56
CA GLN A 44 3.74 65.60 -20.23
C GLN A 44 2.99 64.55 -21.05
N ASN A 45 2.83 64.81 -22.35
CA ASN A 45 2.13 63.86 -23.22
C ASN A 45 0.78 63.50 -22.62
N GLN A 46 -0.13 64.48 -22.59
CA GLN A 46 -1.47 64.25 -22.04
C GLN A 46 -2.51 64.91 -22.93
N LEU A 47 -3.49 64.12 -23.39
CA LEU A 47 -4.55 64.64 -24.26
C LEU A 47 -5.91 64.30 -23.66
N TYR A 48 -6.05 64.44 -22.35
CA TYR A 48 -7.31 64.14 -21.68
C TYR A 48 -7.80 62.73 -22.04
N ASN A 49 -6.98 62.00 -22.79
CA ASN A 49 -7.33 60.64 -23.19
C ASN A 49 -6.07 59.81 -23.37
N GLU A 50 -6.23 58.49 -23.28
CA GLU A 50 -5.10 57.56 -23.43
C GLU A 50 -5.47 56.41 -24.37
N LEU A 51 -6.15 55.41 -23.83
CA LEU A 51 -6.57 54.26 -24.63
C LEU A 51 -5.41 53.79 -25.50
N ASN A 52 -4.50 53.04 -24.91
CA ASN A 52 -3.34 52.51 -25.62
C ASN A 52 -2.94 51.14 -25.07
N LEU A 53 -3.92 50.25 -24.95
CA LEU A 53 -3.69 48.90 -24.45
C LEU A 53 -3.37 48.94 -22.96
N GLY A 54 -3.07 50.13 -22.46
CA GLY A 54 -2.75 50.28 -21.04
C GLY A 54 -1.77 49.20 -20.59
N ARG A 55 -2.18 48.41 -19.60
CA ARG A 55 -1.35 47.33 -19.08
C ARG A 55 -2.20 46.16 -18.62
N ARG A 56 -2.68 45.37 -19.59
CA ARG A 56 -3.52 44.22 -19.28
C ARG A 56 -3.50 43.22 -20.43
N GLU A 57 -2.68 42.19 -20.30
CA GLU A 57 -2.57 41.16 -21.34
C GLU A 57 -2.19 39.82 -20.72
N GLU A 58 -0.89 39.63 -20.48
CA GLU A 58 -0.41 38.37 -19.89
C GLU A 58 -1.03 38.16 -18.52
N TYR A 59 -2.29 37.73 -18.51
CA TYR A 59 -3.00 37.47 -17.26
C TYR A 59 -2.39 36.27 -16.53
N ASP A 60 -1.17 36.44 -16.02
CA ASP A 60 -0.47 35.35 -15.32
C ASP A 60 -0.04 34.28 -16.30
N VAL A 61 -0.89 34.00 -17.28
CA VAL A 61 -0.60 32.99 -18.28
C VAL A 61 0.02 31.75 -17.63
N LEU A 62 -0.20 31.63 -16.33
CA LEU A 62 0.32 30.48 -15.57
C LEU A 62 1.83 30.42 -15.72
N ASP A 63 2.41 31.44 -16.35
CA ASP A 63 3.84 31.49 -16.55
C ASP A 63 4.28 32.92 -16.88
N LYS A 64 5.11 33.50 -16.00
CA LYS A 64 5.61 34.87 -16.21
C LYS A 64 7.11 34.87 -16.41
N ARG A 65 7.76 33.84 -15.89
CA ARG A 65 9.21 33.72 -16.01
C ARG A 65 9.61 32.25 -16.22
N ARG A 66 9.11 31.38 -15.35
CA ARG A 66 9.44 29.95 -15.44
C ARG A 66 8.16 29.12 -15.38
N GLY A 67 8.05 28.17 -16.30
CA GLY A 67 6.88 27.30 -16.34
C GLY A 67 6.77 26.60 -17.69
N ARG A 68 5.87 27.06 -18.55
CA ARG A 68 5.70 26.46 -19.87
C ARG A 68 5.57 24.94 -19.75
N ASP A 69 4.65 24.50 -18.90
CA ASP A 69 4.42 23.06 -18.70
C ASP A 69 2.97 22.71 -19.03
N PRO A 70 2.63 22.60 -20.30
CA PRO A 70 1.23 22.26 -20.73
C PRO A 70 0.94 20.77 -20.63
N GLU A 71 1.37 20.17 -19.53
CA GLU A 71 1.14 18.73 -19.30
C GLU A 71 0.57 18.50 -17.90
N VAL A 72 -0.73 18.74 -17.77
CA VAL A 72 -1.41 18.55 -16.48
C VAL A 72 -2.84 18.06 -16.70
N GLY A 73 -2.96 16.87 -17.25
CA GLY A 73 -4.28 16.29 -17.51
C GLY A 73 -4.19 14.76 -17.63
N GLY A 74 -3.73 14.12 -16.57
CA GLY A 74 -3.61 12.67 -16.58
C GLY A 74 -2.76 12.20 -15.40
N LYS A 75 -1.43 12.16 -15.59
CA LYS A 75 -0.54 11.74 -14.52
C LYS A 75 0.85 12.37 -14.70
N PRO A 76 1.39 13.04 -13.69
CA PRO A 76 2.74 13.67 -13.79
C PRO A 76 3.87 12.64 -13.70
N GLN A 77 3.67 11.49 -14.34
CA GLN A 77 4.67 10.43 -14.34
C GLN A 77 5.04 10.07 -12.90
N ARG A 78 4.54 8.91 -12.44
CA ARG A 78 4.81 8.45 -11.09
C ARG A 78 4.76 6.93 -11.03
N ARG A 79 5.88 6.29 -11.35
CA ARG A 79 5.97 4.83 -11.35
C ARG A 79 7.19 4.40 -10.55
N LYS A 80 6.99 4.04 -9.28
CA LYS A 80 8.08 3.60 -8.43
C LYS A 80 7.61 2.47 -7.53
N ASN A 81 8.51 1.55 -7.25
CA ASN A 81 8.21 0.41 -6.38
C ASN A 81 7.02 -0.39 -6.95
N PRO A 82 6.91 -1.67 -6.61
CA PRO A 82 5.78 -2.52 -7.09
C PRO A 82 4.45 -2.14 -6.42
N GLN A 83 3.50 -1.64 -7.21
CA GLN A 83 2.18 -1.24 -6.67
C GLN A 83 1.09 -2.12 -7.25
N GLU A 84 1.44 -2.86 -8.29
CA GLU A 84 0.49 -3.76 -8.94
C GLU A 84 0.36 -5.06 -8.16
N GLY A 85 0.96 -5.10 -6.97
CA GLY A 85 0.90 -6.29 -6.13
C GLY A 85 -0.54 -6.74 -5.93
N LEU A 86 -1.47 -5.79 -6.05
CA LEU A 86 -2.90 -6.11 -5.87
C LEU A 86 -3.35 -7.11 -6.93
N TYR A 87 -2.67 -7.09 -8.07
CA TYR A 87 -3.00 -8.00 -9.18
C TYR A 87 -1.91 -9.06 -9.35
N ASN A 88 -0.97 -9.10 -8.42
CA ASN A 88 0.12 -10.06 -8.47
C ASN A 88 0.52 -10.50 -7.07
N GLU A 89 -0.44 -10.44 -6.15
CA GLU A 89 -0.18 -10.84 -4.78
C GLU A 89 0.38 -12.25 -4.71
N LEU A 90 1.71 -12.38 -4.88
CA LEU A 90 2.39 -13.69 -4.83
C LEU A 90 1.43 -14.83 -5.15
N GLN A 91 0.87 -14.80 -6.35
CA GLN A 91 -0.08 -15.83 -6.76
C GLN A 91 -1.27 -15.83 -5.82
N LYS A 92 -2.44 -16.24 -6.33
CA LYS A 92 -3.67 -16.28 -5.54
C LYS A 92 -4.07 -17.72 -5.25
N ASP A 93 -3.81 -18.19 -4.02
CA ASP A 93 -4.16 -19.56 -3.65
C ASP A 93 -3.60 -20.55 -4.66
N LYS A 94 -2.52 -21.24 -4.30
CA LYS A 94 -1.90 -22.23 -5.19
C LYS A 94 -1.57 -23.50 -4.43
N VAL A 95 -1.25 -23.34 -3.16
CA VAL A 95 -0.89 -24.47 -2.31
C VAL A 95 -1.12 -24.14 -0.83
N ALA A 96 -2.30 -23.62 -0.50
CA ALA A 96 -2.62 -23.26 0.87
C ALA A 96 -3.87 -22.38 0.90
N GLU A 97 -4.61 -22.43 2.00
CA GLU A 97 -5.83 -21.64 2.14
C GLU A 97 -6.24 -21.55 3.59
N ALA A 98 -5.39 -20.91 4.41
CA ALA A 98 -5.68 -20.78 5.83
C ALA A 98 -5.77 -22.16 6.48
N TYR A 99 -5.09 -23.13 5.88
CA TYR A 99 -5.08 -24.51 6.42
C TYR A 99 -3.73 -24.81 7.06
N SER A 100 -3.62 -24.59 8.35
CA SER A 100 -2.37 -24.85 9.06
C SER A 100 -1.22 -24.11 8.41
N GLU A 101 -1.52 -22.96 7.79
CA GLU A 101 -0.49 -22.16 7.11
C GLU A 101 0.03 -21.06 8.04
N ILE A 102 -0.55 -20.99 9.23
CA ILE A 102 -0.17 -19.99 10.22
C ILE A 102 1.26 -20.22 10.71
N GLY A 103 2.12 -20.71 9.83
CA GLY A 103 3.51 -20.99 10.18
C GLY A 103 3.74 -22.49 10.33
N VAL A 104 2.65 -23.27 10.31
CA VAL A 104 2.74 -24.72 10.44
C VAL A 104 3.32 -25.11 11.81
N LYS A 105 2.70 -24.60 12.86
CA LYS A 105 3.14 -24.89 14.23
C LYS A 105 4.59 -24.42 14.42
N GLY A 106 5.17 -23.91 13.34
CA GLY A 106 6.55 -23.44 13.41
C GLY A 106 7.50 -24.57 13.77
N GLU A 107 8.77 -24.22 14.04
CA GLU A 107 9.77 -25.23 14.40
C GLU A 107 9.91 -25.33 15.92
N ARG A 108 10.97 -24.73 16.45
CA ARG A 108 11.22 -24.74 17.89
C ARG A 108 11.28 -26.18 18.40
N ARG A 109 12.46 -26.59 18.84
CA ARG A 109 12.65 -27.93 19.37
C ARG A 109 13.60 -27.91 20.56
N ARG A 110 13.13 -28.41 21.70
CA ARG A 110 13.94 -28.45 22.92
C ARG A 110 14.54 -29.83 23.11
N GLY A 111 14.24 -30.73 22.19
CA GLY A 111 14.76 -32.11 22.25
C GLY A 111 13.74 -33.04 22.88
N LYS A 112 12.57 -33.16 22.26
CA LYS A 112 11.51 -34.03 22.76
C LYS A 112 10.91 -34.86 21.62
N GLY A 113 11.36 -36.10 21.47
CA GLY A 113 10.84 -36.98 20.42
C GLY A 113 9.40 -37.37 20.69
N HIS A 114 8.72 -37.86 19.66
CA HIS A 114 7.32 -38.27 19.81
C HIS A 114 7.21 -39.43 20.78
N ASP A 115 8.04 -40.44 20.59
CA ASP A 115 8.04 -41.61 21.44
C ASP A 115 6.62 -42.07 21.72
N GLY A 116 5.83 -42.21 20.66
CA GLY A 116 4.44 -42.64 20.80
C GLY A 116 3.97 -43.38 19.54
N LEU A 117 4.26 -44.68 19.48
CA LEU A 117 3.86 -45.50 18.35
C LEU A 117 3.48 -46.91 18.81
N TYR A 118 2.23 -47.07 19.21
CA TYR A 118 1.76 -48.36 19.68
C TYR A 118 2.76 -49.00 20.64
N GLN A 119 2.84 -48.45 21.84
CA GLN A 119 3.77 -48.96 22.86
C GLN A 119 5.18 -49.07 22.28
N GLY A 120 5.75 -50.27 22.35
CA GLY A 120 7.10 -50.50 21.83
C GLY A 120 7.15 -51.76 20.97
N LEU A 121 7.61 -52.86 21.56
CA LEU A 121 7.70 -54.14 20.84
C LEU A 121 6.57 -55.07 21.27
N SER A 122 5.88 -55.63 20.29
CA SER A 122 4.77 -56.55 20.55
C SER A 122 5.11 -57.96 20.07
N THR A 123 6.08 -58.06 19.19
CA THR A 123 6.51 -59.34 18.67
C THR A 123 7.26 -60.14 19.73
N ALA A 124 7.73 -59.44 20.75
CA ALA A 124 8.48 -60.08 21.83
C ALA A 124 7.63 -61.14 22.52
N THR A 125 6.30 -60.97 22.45
CA THR A 125 5.39 -61.92 23.09
C THR A 125 3.94 -61.46 22.92
N LYS A 126 3.08 -62.39 22.54
CA LYS A 126 1.66 -62.08 22.34
C LYS A 126 0.79 -63.15 23.00
N ASP A 127 0.51 -62.94 24.29
CA ASP A 127 -0.31 -63.88 25.04
C ASP A 127 0.36 -65.25 25.06
N THR A 128 1.58 -65.33 24.54
CA THR A 128 2.29 -66.60 24.52
C THR A 128 3.77 -66.37 24.18
N TYR A 129 4.33 -67.25 23.36
CA TYR A 129 5.73 -67.14 22.96
C TYR A 129 6.60 -66.76 24.16
N ASP A 130 6.10 -67.03 25.36
CA ASP A 130 6.83 -66.72 26.58
C ASP A 130 6.58 -67.78 27.64
N ALA A 131 5.46 -68.48 27.52
CA ALA A 131 5.13 -69.53 28.47
C ALA A 131 4.67 -68.91 29.80
N LEU A 132 3.98 -69.69 30.62
CA LEU A 132 3.48 -69.21 31.91
C LEU A 132 3.57 -70.32 32.95
N HIS A 133 4.79 -70.76 33.22
CA HIS A 133 5.00 -71.81 34.19
C HIS A 133 6.45 -71.78 34.68
N VAL A 134 6.64 -72.20 35.93
CA VAL A 134 7.98 -72.23 36.53
C VAL A 134 8.86 -71.10 35.97
N GLN A 135 8.80 -69.94 36.62
CA GLN A 135 9.57 -68.77 36.19
C GLN A 135 10.37 -68.18 37.35
N ALA A 136 10.87 -69.05 38.22
CA ALA A 136 11.65 -68.60 39.37
C ALA A 136 10.71 -68.01 40.42
N LEU A 137 10.90 -68.42 41.68
CA LEU A 137 10.06 -67.94 42.77
C LEU A 137 10.61 -66.62 43.32
N PRO A 138 9.76 -65.72 43.79
CA PRO A 138 10.20 -64.41 44.32
C PRO A 138 11.55 -64.47 45.06
N PRO A 139 12.21 -63.35 45.27
CA PRO A 139 13.52 -63.32 46.02
C PRO A 139 13.42 -64.03 47.37
N ARG A 140 14.48 -64.74 47.75
CA ARG A 140 14.51 -65.45 49.03
C ARG A 140 13.23 -66.24 49.23
N PHE A 31 20.06 82.81 -14.54
CA PHE A 31 18.88 83.26 -13.74
C PHE A 31 17.60 82.79 -14.41
N SER A 32 17.04 81.70 -13.89
CA SER A 32 15.80 81.15 -14.44
C SER A 32 15.32 79.98 -13.59
N ARG A 33 14.37 80.26 -12.69
CA ARG A 33 13.82 79.23 -11.81
C ARG A 33 12.31 79.39 -11.70
N SER A 34 11.75 80.33 -12.45
CA SER A 34 10.31 80.58 -12.41
C SER A 34 9.85 81.31 -13.67
N ALA A 35 10.07 82.61 -13.69
CA ALA A 35 9.67 83.44 -14.83
C ALA A 35 10.24 82.88 -16.12
N ASP A 36 11.17 81.95 -15.99
CA ASP A 36 11.80 81.31 -17.15
C ASP A 36 11.97 79.82 -16.88
N ALA A 37 10.84 79.12 -16.71
CA ALA A 37 10.88 77.67 -16.44
C ALA A 37 10.65 76.89 -17.74
N PRO A 38 10.76 75.58 -17.72
CA PRO A 38 10.56 74.74 -18.95
C PRO A 38 9.22 75.02 -19.62
N ALA A 39 8.22 75.30 -18.81
CA ALA A 39 6.87 75.57 -19.31
C ALA A 39 6.51 74.59 -20.42
N TYR A 40 6.89 73.33 -20.23
CA TYR A 40 6.61 72.28 -21.22
C TYR A 40 6.22 70.98 -20.52
N GLN A 41 4.93 70.84 -20.22
CA GLN A 41 4.43 69.63 -19.56
C GLN A 41 5.37 69.22 -18.42
N GLN A 42 5.05 69.65 -17.19
CA GLN A 42 5.87 69.32 -16.03
C GLN A 42 5.00 69.16 -14.79
N GLY A 43 4.36 67.99 -14.66
CA GLY A 43 3.49 67.71 -13.51
C GLY A 43 4.20 66.81 -12.50
N GLN A 44 5.18 67.36 -11.81
CA GLN A 44 5.93 66.59 -10.82
C GLN A 44 6.28 65.20 -11.36
N ASN A 45 7.38 65.12 -12.10
CA ASN A 45 7.80 63.84 -12.67
C ASN A 45 6.70 63.22 -13.52
N GLN A 46 6.18 64.00 -14.46
CA GLN A 46 5.11 63.54 -15.34
C GLN A 46 5.34 64.07 -16.75
N LEU A 47 5.85 63.21 -17.65
CA LEU A 47 6.12 63.62 -19.04
C LEU A 47 5.19 62.86 -19.99
N TYR A 48 3.95 62.65 -19.54
CA TYR A 48 2.96 61.94 -20.35
C TYR A 48 3.58 60.71 -21.01
N ASN A 49 3.79 59.66 -20.21
CA ASN A 49 4.40 58.43 -20.72
C ASN A 49 3.32 57.47 -21.19
N GLU A 50 3.66 56.18 -21.23
CA GLU A 50 2.70 55.17 -21.67
C GLU A 50 1.39 55.33 -20.94
N LEU A 51 0.31 54.91 -21.57
CA LEU A 51 -1.03 55.02 -20.97
C LEU A 51 -1.32 53.80 -20.09
N ASN A 52 -0.33 52.91 -19.96
CA ASN A 52 -0.48 51.71 -19.15
C ASN A 52 -1.43 50.73 -19.85
N LEU A 53 -2.58 51.23 -20.29
CA LEU A 53 -3.58 50.43 -20.97
C LEU A 53 -4.20 49.40 -20.03
N GLY A 54 -3.40 48.90 -19.11
CA GLY A 54 -3.86 47.90 -18.14
C GLY A 54 -2.76 46.89 -17.84
N ARG A 55 -3.16 45.65 -17.61
CA ARG A 55 -2.20 44.60 -17.31
C ARG A 55 -1.27 44.36 -18.50
N ARG A 56 -1.83 44.37 -19.71
CA ARG A 56 -1.04 44.16 -20.91
C ARG A 56 -0.36 42.80 -20.89
N GLU A 57 -0.84 41.90 -21.73
CA GLU A 57 -0.27 40.54 -21.82
C GLU A 57 -0.79 39.66 -20.69
N GLU A 58 -0.40 40.01 -19.47
CA GLU A 58 -0.83 39.25 -18.30
C GLU A 58 -2.35 39.19 -18.23
N TYR A 59 -2.94 38.22 -18.93
CA TYR A 59 -4.39 38.06 -18.96
C TYR A 59 -4.77 36.58 -18.92
N ASP A 60 -4.91 36.02 -17.72
CA ASP A 60 -5.27 34.62 -17.58
C ASP A 60 -4.47 33.76 -18.55
N VAL A 61 -3.18 33.60 -18.28
CA VAL A 61 -2.31 32.80 -19.13
C VAL A 61 -2.75 31.35 -19.12
N LEU A 62 -3.12 30.86 -17.94
CA LEU A 62 -3.56 29.47 -17.77
C LEU A 62 -4.94 29.42 -17.12
N ASP A 63 -5.61 30.56 -17.02
CA ASP A 63 -6.92 30.63 -16.42
C ASP A 63 -6.89 30.09 -14.99
N LYS A 64 -7.12 30.97 -14.00
CA LYS A 64 -7.11 30.56 -12.61
C LYS A 64 -5.71 30.13 -12.18
N ARG A 65 -4.78 30.15 -13.11
CA ARG A 65 -3.41 29.76 -12.82
C ARG A 65 -3.38 28.32 -12.28
N ARG A 66 -2.37 27.55 -12.70
CA ARG A 66 -2.22 26.17 -12.24
C ARG A 66 -3.53 25.39 -12.36
N GLY A 67 -3.56 24.42 -13.26
CA GLY A 67 -4.75 23.58 -13.46
C GLY A 67 -4.64 22.27 -12.68
N ARG A 68 -4.75 22.36 -11.36
CA ARG A 68 -4.68 21.17 -10.51
C ARG A 68 -5.88 20.26 -10.75
N ASP A 69 -6.69 20.60 -11.76
CA ASP A 69 -7.88 19.80 -12.09
C ASP A 69 -7.66 19.01 -13.39
N PRO A 70 -8.25 17.84 -13.53
CA PRO A 70 -8.10 17.02 -14.78
C PRO A 70 -8.75 17.67 -16.00
N GLU A 71 -9.00 18.97 -15.91
CA GLU A 71 -9.64 19.72 -17.01
C GLU A 71 -10.71 18.87 -17.70
N VAL A 72 -11.27 17.93 -16.95
CA VAL A 72 -12.30 17.04 -17.49
C VAL A 72 -11.74 16.25 -18.68
N GLY A 73 -10.47 16.47 -18.97
CA GLY A 73 -9.82 15.79 -20.09
C GLY A 73 -9.32 14.41 -19.66
N GLY A 74 -10.22 13.59 -19.13
CA GLY A 74 -9.87 12.24 -18.69
C GLY A 74 -10.63 11.86 -17.42
N LYS A 75 -10.32 10.69 -16.88
CA LYS A 75 -10.96 10.21 -15.67
C LYS A 75 -10.16 9.07 -15.05
N PRO A 76 -8.87 9.23 -14.95
CA PRO A 76 -7.97 8.20 -14.35
C PRO A 76 -8.26 7.96 -12.86
N GLN A 77 -9.49 8.25 -12.44
CA GLN A 77 -9.87 8.08 -11.03
C GLN A 77 -11.34 7.66 -10.93
N ARG A 78 -11.58 6.35 -10.86
CA ARG A 78 -12.94 5.82 -10.74
C ARG A 78 -13.15 5.14 -9.40
N ARG A 79 -12.06 5.01 -8.65
CA ARG A 79 -12.11 4.36 -7.34
C ARG A 79 -10.89 4.73 -6.50
N LYS A 80 -9.73 4.25 -6.92
CA LYS A 80 -8.48 4.52 -6.20
C LYS A 80 -8.51 3.87 -4.81
N ASN A 81 -9.66 3.33 -4.43
CA ASN A 81 -9.83 2.69 -3.12
C ASN A 81 -9.80 1.16 -3.27
N PRO A 82 -9.58 0.43 -2.19
CA PRO A 82 -9.55 -1.05 -2.22
C PRO A 82 -10.63 -1.65 -3.13
N GLN A 83 -10.22 -2.18 -4.27
CA GLN A 83 -11.18 -2.79 -5.19
C GLN A 83 -10.45 -3.62 -6.24
N GLU A 84 -11.15 -4.59 -6.82
CA GLU A 84 -10.54 -5.45 -7.84
C GLU A 84 -11.61 -6.06 -8.74
N GLY A 85 -12.42 -6.95 -8.20
CA GLY A 85 -13.48 -7.59 -8.98
C GLY A 85 -12.98 -8.04 -10.35
N LEU A 86 -12.72 -9.35 -10.47
CA LEU A 86 -12.24 -9.92 -11.73
C LEU A 86 -10.85 -9.38 -12.05
N TYR A 87 -10.40 -8.41 -11.25
CA TYR A 87 -9.06 -7.83 -11.46
C TYR A 87 -8.12 -8.31 -10.37
N ASN A 88 -8.63 -9.18 -9.49
CA ASN A 88 -7.80 -9.72 -8.40
C ASN A 88 -6.38 -10.01 -8.89
N GLU A 89 -5.40 -9.71 -8.03
CA GLU A 89 -3.99 -9.92 -8.38
C GLU A 89 -3.55 -11.33 -7.99
N LEU A 90 -4.42 -12.03 -7.27
CA LEU A 90 -4.11 -13.39 -6.84
C LEU A 90 -5.39 -14.16 -6.50
N GLN A 91 -6.52 -13.65 -6.99
CA GLN A 91 -7.81 -14.29 -6.72
C GLN A 91 -8.04 -14.45 -5.23
N LYS A 92 -7.30 -13.66 -4.44
CA LYS A 92 -7.42 -13.70 -2.99
C LYS A 92 -6.94 -15.04 -2.44
N ASP A 93 -6.53 -15.92 -3.34
CA ASP A 93 -6.06 -17.25 -2.95
C ASP A 93 -5.41 -17.97 -4.13
N LYS A 94 -4.22 -18.52 -3.93
CA LYS A 94 -3.52 -19.23 -5.00
C LYS A 94 -2.81 -20.46 -4.43
N VAL A 95 -2.31 -20.32 -3.20
CA VAL A 95 -1.61 -21.42 -2.53
C VAL A 95 -2.57 -22.22 -1.64
N ALA A 96 -3.85 -21.89 -1.71
CA ALA A 96 -4.85 -22.57 -0.89
C ALA A 96 -6.21 -22.54 -1.57
N GLU A 97 -6.98 -23.61 -1.42
CA GLU A 97 -8.30 -23.69 -2.03
C GLU A 97 -9.05 -24.90 -1.49
N ALA A 98 -9.50 -24.80 -0.24
CA ALA A 98 -10.22 -25.91 0.39
C ALA A 98 -9.45 -27.21 0.20
N TYR A 99 -8.12 -27.13 0.24
CA TYR A 99 -7.27 -28.33 0.09
C TYR A 99 -6.64 -28.69 1.44
N SER A 100 -7.29 -29.58 2.16
CA SER A 100 -6.77 -30.00 3.45
C SER A 100 -6.38 -28.79 4.30
N GLU A 101 -7.02 -27.66 4.04
CA GLU A 101 -6.73 -26.44 4.78
C GLU A 101 -7.48 -26.46 6.12
N ILE A 102 -7.68 -27.67 6.64
CA ILE A 102 -8.39 -27.84 7.92
C ILE A 102 -7.74 -28.91 8.78
N GLY A 103 -6.65 -29.47 8.28
CA GLY A 103 -5.92 -30.51 9.01
C GLY A 103 -4.41 -30.35 8.85
N VAL A 104 -3.82 -29.48 9.69
CA VAL A 104 -2.38 -29.24 9.63
C VAL A 104 -1.80 -29.15 11.04
N LYS A 105 -2.15 -30.10 11.89
CA LYS A 105 -1.67 -30.13 13.27
C LYS A 105 -1.54 -28.72 13.83
N GLY A 106 -2.68 -28.11 14.10
CA GLY A 106 -2.71 -26.75 14.64
C GLY A 106 -1.86 -26.65 15.90
N GLU A 107 -1.71 -27.77 16.60
CA GLU A 107 -0.91 -27.79 17.82
C GLU A 107 -1.38 -26.71 18.78
N ARG A 108 -2.42 -27.01 19.55
CA ARG A 108 -2.97 -26.06 20.52
C ARG A 108 -3.73 -26.78 21.61
N ARG A 109 -3.00 -27.42 22.51
CA ARG A 109 -3.62 -28.16 23.61
C ARG A 109 -2.67 -28.24 24.81
N ARG A 110 -1.37 -28.31 24.52
CA ARG A 110 -0.36 -28.40 25.57
C ARG A 110 -0.79 -29.37 26.67
N GLY A 111 -0.66 -30.66 26.41
CA GLY A 111 -1.04 -31.67 27.38
C GLY A 111 -1.01 -33.06 26.76
N LYS A 112 -0.55 -34.06 27.52
CA LYS A 112 -0.47 -35.44 27.02
C LYS A 112 -0.11 -35.47 25.54
N GLY A 113 0.66 -34.47 25.10
CA GLY A 113 1.06 -34.40 23.69
C GLY A 113 2.23 -35.33 23.41
N HIS A 114 2.23 -35.91 22.21
CA HIS A 114 3.30 -36.83 21.82
C HIS A 114 3.50 -37.92 22.86
N ASP A 115 3.06 -39.14 22.54
CA ASP A 115 3.19 -40.27 23.47
C ASP A 115 3.41 -41.56 22.71
N GLY A 116 4.60 -41.72 22.13
CA GLY A 116 4.92 -42.93 21.37
C GLY A 116 4.58 -42.74 19.90
N LEU A 117 5.43 -43.26 19.03
CA LEU A 117 5.22 -43.14 17.58
C LEU A 117 5.29 -44.52 16.91
N TYR A 118 4.92 -45.54 17.66
CA TYR A 118 4.94 -46.90 17.13
C TYR A 118 4.06 -47.81 17.99
N GLN A 119 3.10 -48.47 17.34
CA GLN A 119 2.19 -49.37 18.05
C GLN A 119 2.98 -50.31 18.96
N GLY A 120 3.23 -49.88 20.20
CA GLY A 120 3.96 -50.70 21.16
C GLY A 120 5.22 -51.29 20.52
N LEU A 121 6.35 -50.64 20.74
CA LEU A 121 7.62 -51.12 20.18
C LEU A 121 7.97 -52.49 20.77
N SER A 122 7.68 -52.68 22.05
CA SER A 122 7.98 -53.95 22.72
C SER A 122 9.48 -54.25 22.63
N THR A 123 10.02 -54.93 23.65
CA THR A 123 11.44 -55.27 23.67
C THR A 123 11.63 -56.70 24.15
N ALA A 124 10.78 -57.12 25.08
CA ALA A 124 10.86 -58.47 25.63
C ALA A 124 9.69 -58.75 26.57
N THR A 125 8.51 -58.24 26.21
CA THR A 125 7.31 -58.44 27.03
C THR A 125 6.12 -58.82 26.15
N LYS A 126 6.34 -59.77 25.24
CA LYS A 126 5.28 -60.24 24.34
C LYS A 126 5.20 -61.76 24.39
N ASP A 127 4.04 -62.28 24.77
CA ASP A 127 3.84 -63.72 24.83
C ASP A 127 4.88 -64.36 25.76
N THR A 128 5.72 -63.53 26.37
CA THR A 128 6.75 -64.04 27.29
C THR A 128 7.38 -65.32 26.74
N TYR A 129 7.88 -65.24 25.51
CA TYR A 129 8.51 -66.39 24.88
C TYR A 129 9.88 -66.66 25.49
N ASP A 130 10.40 -65.66 26.19
CA ASP A 130 11.70 -65.80 26.83
C ASP A 130 11.64 -66.82 27.96
N ALA A 131 10.44 -67.01 28.50
CA ALA A 131 10.25 -67.96 29.59
C ALA A 131 11.14 -67.59 30.78
N LEU A 132 10.53 -67.31 31.93
CA LEU A 132 11.30 -66.95 33.13
C LEU A 132 10.68 -67.67 34.35
N HIS A 133 10.78 -69.00 34.35
CA HIS A 133 10.26 -69.80 35.45
C HIS A 133 11.37 -69.98 36.48
N VAL A 134 11.18 -70.92 37.41
CA VAL A 134 12.16 -71.18 38.47
C VAL A 134 12.79 -69.87 38.93
N GLN A 135 12.20 -69.23 39.93
CA GLN A 135 12.71 -67.98 40.45
C GLN A 135 12.46 -67.91 41.95
N ALA A 136 13.23 -67.07 42.61
CA ALA A 136 13.10 -66.91 44.06
C ALA A 136 11.84 -66.13 44.41
N LEU A 137 10.80 -66.27 43.58
CA LEU A 137 9.51 -65.59 43.81
C LEU A 137 9.69 -64.06 43.86
N PRO A 138 8.67 -63.29 43.54
CA PRO A 138 8.75 -61.81 43.56
C PRO A 138 8.93 -61.29 45.00
N PRO A 139 9.36 -60.07 45.15
CA PRO A 139 9.57 -59.46 46.50
C PRO A 139 8.49 -59.88 47.51
N ARG A 140 8.72 -60.97 48.22
CA ARG A 140 7.76 -61.46 49.21
C ARG A 140 6.37 -61.60 48.58
N PHE A 31 3.73 84.98 -8.09
CA PHE A 31 5.10 84.97 -8.68
C PHE A 31 6.07 84.35 -7.67
N SER A 32 5.82 83.09 -7.33
CA SER A 32 6.67 82.37 -6.36
C SER A 32 6.92 80.94 -6.82
N ARG A 33 5.84 80.16 -6.90
CA ARG A 33 5.92 78.76 -7.32
C ARG A 33 4.73 78.38 -8.19
N SER A 34 4.95 77.41 -9.08
CA SER A 34 3.88 76.95 -9.97
C SER A 34 3.32 78.12 -10.78
N ALA A 35 4.20 78.78 -11.52
CA ALA A 35 3.81 79.92 -12.35
C ALA A 35 4.48 79.83 -13.71
N ASP A 36 3.90 79.04 -14.61
CA ASP A 36 4.44 78.87 -15.96
C ASP A 36 3.79 77.68 -16.65
N ALA A 37 3.77 76.54 -15.97
CA ALA A 37 3.16 75.34 -16.52
C ALA A 37 3.82 74.98 -17.87
N PRO A 38 3.64 73.77 -18.34
CA PRO A 38 4.22 73.32 -19.64
C PRO A 38 3.54 73.98 -20.84
N ALA A 39 4.27 74.04 -21.96
CA ALA A 39 3.71 74.65 -23.18
C ALA A 39 2.81 73.66 -23.93
N TYR A 40 3.28 72.43 -24.09
CA TYR A 40 2.53 71.40 -24.78
C TYR A 40 2.95 70.02 -24.29
N GLN A 41 2.80 69.80 -22.98
CA GLN A 41 3.18 68.51 -22.40
C GLN A 41 2.89 68.51 -20.90
N GLN A 42 1.82 67.82 -20.49
CA GLN A 42 1.46 67.76 -19.07
C GLN A 42 2.41 66.80 -18.33
N GLY A 43 3.25 66.10 -19.08
CA GLY A 43 4.20 65.18 -18.48
C GLY A 43 3.50 64.28 -17.46
N GLN A 44 4.03 64.24 -16.26
CA GLN A 44 3.45 63.43 -15.19
C GLN A 44 3.05 62.05 -15.73
N ASN A 45 4.01 61.35 -16.32
CA ASN A 45 3.75 60.03 -16.87
C ASN A 45 2.56 60.07 -17.83
N GLN A 46 2.63 60.95 -18.83
CA GLN A 46 1.55 61.08 -19.80
C GLN A 46 2.13 61.20 -21.21
N LEU A 47 2.34 60.06 -21.86
CA LEU A 47 2.90 60.06 -23.22
C LEU A 47 1.78 60.23 -24.25
N TYR A 48 0.62 60.68 -23.79
CA TYR A 48 -0.52 60.88 -24.68
C TYR A 48 -0.90 59.57 -25.38
N ASN A 49 -0.14 58.51 -25.10
CA ASN A 49 -0.38 57.20 -25.71
C ASN A 49 -0.24 56.10 -24.66
N GLU A 50 -0.40 56.47 -23.39
CA GLU A 50 -0.28 55.50 -22.31
C GLU A 50 -1.57 54.69 -22.20
N LEU A 51 -1.60 53.54 -22.84
CA LEU A 51 -2.78 52.67 -22.82
C LEU A 51 -2.70 51.70 -21.64
N ASN A 52 -1.79 51.98 -20.70
CA ASN A 52 -1.63 51.11 -19.54
C ASN A 52 -1.63 49.65 -19.95
N LEU A 53 -0.47 49.17 -20.39
CA LEU A 53 -0.33 47.78 -20.81
C LEU A 53 -0.17 46.86 -19.61
N GLY A 54 -0.52 47.38 -18.43
CA GLY A 54 -0.41 46.60 -17.21
C GLY A 54 -0.92 45.17 -17.41
N ARG A 55 -2.20 44.96 -17.15
CA ARG A 55 -2.79 43.64 -17.32
C ARG A 55 -2.99 43.32 -18.80
N ARG A 56 -4.18 43.60 -19.29
CA ARG A 56 -4.51 43.35 -20.69
C ARG A 56 -4.60 41.85 -20.95
N GLU A 57 -5.80 41.37 -21.25
CA GLU A 57 -6.02 39.94 -21.54
C GLU A 57 -5.12 39.07 -20.65
N GLU A 58 -4.88 39.54 -19.44
CA GLU A 58 -4.04 38.81 -18.49
C GLU A 58 -4.79 38.53 -17.19
N TYR A 59 -5.14 37.27 -16.96
CA TYR A 59 -5.86 36.89 -15.75
C TYR A 59 -5.70 35.39 -15.49
N ASP A 60 -4.87 35.04 -14.52
CA ASP A 60 -4.64 33.63 -14.19
C ASP A 60 -4.19 32.85 -15.41
N VAL A 61 -5.15 32.50 -16.24
CA VAL A 61 -4.86 31.74 -17.46
C VAL A 61 -4.28 30.38 -17.11
N LEU A 62 -4.14 30.11 -15.81
CA LEU A 62 -3.59 28.83 -15.34
C LEU A 62 -4.55 28.16 -14.37
N ASP A 63 -4.52 26.82 -14.34
CA ASP A 63 -5.40 26.07 -13.45
C ASP A 63 -4.83 26.02 -12.05
N LYS A 64 -4.46 27.19 -11.53
CA LYS A 64 -3.90 27.27 -10.19
C LYS A 64 -2.71 26.32 -10.05
N ARG A 65 -2.34 25.69 -11.16
CA ARG A 65 -1.23 24.75 -11.14
C ARG A 65 -0.77 24.47 -12.56
N ARG A 66 0.54 24.28 -12.72
CA ARG A 66 1.12 24.01 -14.03
C ARG A 66 0.88 22.57 -14.43
N GLY A 67 -0.15 21.95 -13.84
CA GLY A 67 -0.47 20.56 -14.14
C GLY A 67 -1.96 20.30 -13.96
N ARG A 68 -2.29 19.16 -13.37
CA ARG A 68 -3.67 18.78 -13.15
C ARG A 68 -4.48 18.94 -14.43
N ASP A 69 -3.80 18.83 -15.59
CA ASP A 69 -4.46 18.97 -16.90
C ASP A 69 -5.96 18.66 -16.81
N PRO A 70 -6.79 19.65 -16.51
CA PRO A 70 -8.26 19.42 -16.37
C PRO A 70 -8.97 19.40 -17.72
N GLU A 71 -8.28 18.85 -18.71
CA GLU A 71 -8.85 18.76 -20.06
C GLU A 71 -9.92 17.67 -20.11
N VAL A 72 -9.89 16.76 -19.12
CA VAL A 72 -10.85 15.66 -19.04
C VAL A 72 -11.23 15.17 -20.45
N GLY A 73 -10.35 14.39 -21.06
CA GLY A 73 -10.61 13.87 -22.41
C GLY A 73 -11.54 12.66 -22.37
N GLY A 74 -12.17 12.43 -21.22
CA GLY A 74 -13.08 11.29 -21.07
C GLY A 74 -12.33 10.08 -20.54
N LYS A 75 -12.26 9.94 -19.22
CA LYS A 75 -11.57 8.79 -18.61
C LYS A 75 -10.12 8.74 -19.10
N PRO A 76 -9.33 9.70 -18.72
CA PRO A 76 -7.89 9.77 -19.12
C PRO A 76 -7.03 8.84 -18.26
N GLN A 77 -7.16 7.55 -18.49
CA GLN A 77 -6.39 6.56 -17.74
C GLN A 77 -6.64 6.70 -16.25
N ARG A 78 -7.33 5.72 -15.66
CA ARG A 78 -7.64 5.75 -14.24
C ARG A 78 -7.60 4.35 -13.66
N ARG A 79 -6.46 3.68 -13.79
CA ARG A 79 -6.30 2.32 -13.28
C ARG A 79 -4.91 2.14 -12.67
N LYS A 80 -4.76 2.55 -11.42
CA LYS A 80 -3.48 2.43 -10.74
C LYS A 80 -3.65 2.60 -9.23
N ASN A 81 -3.62 1.49 -8.49
CA ASN A 81 -3.77 1.57 -7.05
C ASN A 81 -3.82 0.17 -6.44
N PRO A 82 -3.46 0.02 -5.17
CA PRO A 82 -3.50 -1.31 -4.49
C PRO A 82 -4.73 -2.13 -4.87
N GLN A 83 -4.54 -3.20 -5.63
CA GLN A 83 -5.66 -4.05 -6.03
C GLN A 83 -5.14 -5.39 -6.49
N GLU A 84 -6.05 -6.36 -6.60
CA GLU A 84 -5.68 -7.71 -7.03
C GLU A 84 -4.67 -8.31 -6.05
N GLY A 85 -4.66 -7.80 -4.83
CA GLY A 85 -3.74 -8.29 -3.81
C GLY A 85 -4.03 -9.76 -3.49
N LEU A 86 -5.31 -10.13 -3.50
CA LEU A 86 -5.71 -11.51 -3.20
C LEU A 86 -5.14 -12.47 -4.23
N TYR A 87 -4.55 -11.90 -5.29
CA TYR A 87 -3.96 -12.71 -6.37
C TYR A 87 -2.47 -12.40 -6.50
N ASN A 88 -2.01 -11.39 -5.77
CA ASN A 88 -0.59 -11.00 -5.83
C ASN A 88 0.14 -11.43 -4.56
N GLU A 89 -0.30 -10.88 -3.43
CA GLU A 89 0.32 -11.21 -2.15
C GLU A 89 -0.37 -12.41 -1.52
N LEU A 90 -0.68 -13.42 -2.34
CA LEU A 90 -1.34 -14.61 -1.83
C LEU A 90 -1.04 -15.82 -2.72
N GLN A 91 -0.95 -15.57 -4.01
CA GLN A 91 -0.67 -16.64 -4.98
C GLN A 91 -1.74 -17.73 -4.90
N LYS A 92 -2.27 -18.12 -6.06
CA LYS A 92 -3.30 -19.15 -6.12
C LYS A 92 -2.68 -20.54 -6.05
N ASP A 93 -3.40 -21.49 -5.45
CA ASP A 93 -2.90 -22.84 -5.34
C ASP A 93 -1.49 -22.84 -4.77
N LYS A 94 -0.94 -24.03 -4.58
CA LYS A 94 0.40 -24.18 -4.05
C LYS A 94 0.44 -23.94 -2.55
N VAL A 95 -0.45 -23.08 -2.08
CA VAL A 95 -0.52 -22.75 -0.66
C VAL A 95 -1.91 -22.23 -0.30
N ALA A 96 -2.89 -23.10 -0.40
CA ALA A 96 -4.27 -22.72 -0.08
C ALA A 96 -5.17 -23.95 -0.12
N GLU A 97 -6.36 -23.84 0.50
CA GLU A 97 -7.30 -24.94 0.53
C GLU A 97 -6.71 -26.14 1.26
N ALA A 98 -7.10 -26.31 2.53
CA ALA A 98 -6.59 -27.42 3.32
C ALA A 98 -5.08 -27.54 3.17
N TYR A 99 -4.39 -26.40 3.26
CA TYR A 99 -2.93 -26.38 3.13
C TYR A 99 -2.29 -26.01 4.48
N SER A 100 -1.91 -27.04 5.24
CA SER A 100 -1.29 -26.81 6.55
C SER A 100 -2.23 -26.01 7.46
N GLU A 101 -3.45 -25.76 6.99
CA GLU A 101 -4.43 -25.02 7.77
C GLU A 101 -3.76 -23.81 8.47
N ILE A 102 -2.62 -23.39 7.92
CA ILE A 102 -1.89 -22.25 8.48
C ILE A 102 -1.77 -22.40 10.00
N GLY A 103 -1.99 -23.62 10.50
CA GLY A 103 -1.91 -23.89 11.94
C GLY A 103 -1.01 -25.10 12.21
N VAL A 104 -1.57 -26.29 12.04
CA VAL A 104 -0.82 -27.51 12.26
C VAL A 104 -0.39 -27.60 13.72
N LYS A 105 -1.37 -27.67 14.61
CA LYS A 105 -1.11 -27.75 16.05
C LYS A 105 -0.31 -26.53 16.51
N GLY A 106 0.05 -25.65 15.58
CA GLY A 106 0.80 -24.45 15.93
C GLY A 106 2.24 -24.81 16.29
N GLU A 107 2.49 -26.09 16.52
CA GLU A 107 3.82 -26.56 16.88
C GLU A 107 4.39 -25.69 18.00
N ARG A 108 3.69 -25.68 19.13
CA ARG A 108 4.14 -24.88 20.27
C ARG A 108 5.47 -25.39 20.80
N ARG A 109 5.58 -26.72 20.90
CA ARG A 109 6.80 -27.34 21.40
C ARG A 109 7.10 -26.90 22.83
N ARG A 110 6.54 -27.62 23.80
CA ARG A 110 6.75 -27.30 25.21
C ARG A 110 6.96 -28.58 26.02
N GLY A 111 7.28 -29.67 25.34
CA GLY A 111 7.50 -30.95 26.01
C GLY A 111 6.21 -31.76 26.09
N LYS A 112 6.25 -32.88 26.81
CA LYS A 112 5.07 -33.73 26.95
C LYS A 112 4.57 -34.19 25.57
N GLY A 113 5.05 -35.35 25.14
CA GLY A 113 4.64 -35.89 23.84
C GLY A 113 5.67 -36.89 23.33
N HIS A 114 5.28 -38.16 23.31
CA HIS A 114 6.16 -39.22 22.84
C HIS A 114 5.36 -40.36 22.20
N ASP A 115 4.60 -40.03 21.17
CA ASP A 115 3.79 -41.04 20.49
C ASP A 115 3.47 -40.58 19.06
N GLY A 116 3.46 -41.53 18.12
CA GLY A 116 3.18 -41.21 16.73
C GLY A 116 3.75 -42.29 15.82
N LEU A 117 3.53 -42.13 14.54
CA LEU A 117 4.02 -43.08 13.55
C LEU A 117 3.57 -44.48 13.91
N TYR A 118 2.44 -44.87 13.35
CA TYR A 118 1.87 -46.20 13.61
C TYR A 118 2.06 -46.60 15.08
N GLN A 119 1.23 -46.05 15.95
CA GLN A 119 1.33 -46.35 17.38
C GLN A 119 2.79 -46.33 17.83
N GLY A 120 3.27 -47.47 18.31
CA GLY A 120 4.65 -47.59 18.76
C GLY A 120 5.03 -49.05 18.99
N LEU A 121 6.31 -49.29 19.22
CA LEU A 121 6.79 -50.65 19.45
C LEU A 121 6.60 -51.04 20.91
N SER A 122 6.06 -52.25 21.11
CA SER A 122 5.81 -52.74 22.46
C SER A 122 5.51 -54.25 22.43
N THR A 123 6.07 -54.94 21.43
CA THR A 123 5.85 -56.38 21.29
C THR A 123 7.08 -57.15 21.79
N ALA A 124 8.13 -56.42 22.12
CA ALA A 124 9.36 -57.04 22.62
C ALA A 124 9.08 -57.76 23.94
N THR A 125 8.16 -57.21 24.74
CA THR A 125 7.82 -57.80 26.03
C THR A 125 6.40 -57.44 26.43
N LYS A 126 6.24 -56.34 27.16
CA LYS A 126 4.92 -55.88 27.60
C LYS A 126 3.88 -56.16 26.52
N ASP A 127 3.07 -57.18 26.75
CA ASP A 127 2.02 -57.56 25.80
C ASP A 127 2.63 -58.34 24.63
N THR A 128 3.53 -59.25 24.94
CA THR A 128 4.17 -60.07 23.91
C THR A 128 3.12 -60.86 23.14
N TYR A 129 3.28 -60.95 21.82
CA TYR A 129 2.35 -61.68 20.98
C TYR A 129 1.94 -62.99 21.65
N ASP A 130 2.91 -63.66 22.26
CA ASP A 130 2.65 -64.92 22.93
C ASP A 130 3.81 -65.30 23.85
N ALA A 131 4.49 -64.29 24.39
CA ALA A 131 5.61 -64.54 25.28
C ALA A 131 6.71 -65.28 24.52
N LEU A 132 7.97 -64.86 24.72
CA LEU A 132 9.11 -65.50 24.05
C LEU A 132 9.98 -66.23 25.07
N HIS A 133 9.37 -67.13 25.83
CA HIS A 133 10.10 -67.89 26.83
C HIS A 133 9.35 -69.17 27.16
N VAL A 134 10.08 -70.21 27.55
CA VAL A 134 9.48 -71.49 27.90
C VAL A 134 10.17 -72.07 29.13
N GLN A 135 10.33 -71.25 30.15
CA GLN A 135 10.96 -71.70 31.38
C GLN A 135 10.82 -70.62 32.45
N ALA A 136 10.69 -71.04 33.70
CA ALA A 136 10.54 -70.11 34.82
C ALA A 136 11.53 -70.46 35.93
N LEU A 137 12.64 -69.72 36.00
CA LEU A 137 13.64 -69.97 37.03
C LEU A 137 14.44 -68.69 37.30
N PRO A 138 13.75 -67.60 37.53
CA PRO A 138 14.41 -66.29 37.82
C PRO A 138 15.25 -66.32 39.10
N PRO A 139 16.14 -65.37 39.26
CA PRO A 139 17.01 -65.29 40.47
C PRO A 139 16.23 -64.87 41.72
N ARG A 140 16.71 -65.27 42.89
CA ARG A 140 16.05 -64.93 44.14
C ARG A 140 14.53 -65.11 44.02
N PHE A 31 15.30 80.89 -25.08
CA PHE A 31 16.36 80.23 -25.89
C PHE A 31 17.34 79.52 -24.97
N SER A 32 17.03 79.52 -23.67
CA SER A 32 17.89 78.87 -22.69
C SER A 32 17.06 78.36 -21.51
N ARG A 33 16.40 79.28 -20.81
CA ARG A 33 15.57 78.92 -19.66
C ARG A 33 14.15 79.44 -19.83
N SER A 34 13.82 79.83 -21.06
CA SER A 34 12.48 80.34 -21.36
C SER A 34 12.06 79.99 -22.79
N ALA A 35 12.53 80.77 -23.74
CA ALA A 35 12.20 80.53 -25.14
C ALA A 35 10.70 80.69 -25.39
N ASP A 36 10.00 81.18 -24.37
CA ASP A 36 8.56 81.38 -24.48
C ASP A 36 7.88 80.10 -24.95
N ALA A 37 8.46 78.95 -24.59
CA ALA A 37 7.90 77.65 -24.96
C ALA A 37 7.83 76.73 -23.74
N PRO A 38 6.89 75.81 -23.69
CA PRO A 38 6.77 74.88 -22.53
C PRO A 38 7.84 73.79 -22.56
N ALA A 39 8.66 73.81 -23.60
CA ALA A 39 9.71 72.82 -23.74
C ALA A 39 9.15 71.41 -23.68
N TYR A 40 7.83 71.30 -23.76
CA TYR A 40 7.18 69.99 -23.71
C TYR A 40 7.58 69.24 -22.44
N GLN A 41 7.15 69.74 -21.30
CA GLN A 41 7.47 69.11 -20.03
C GLN A 41 6.54 69.63 -18.93
N GLN A 42 5.58 68.80 -18.50
CA GLN A 42 4.65 69.20 -17.44
C GLN A 42 4.57 68.14 -16.36
N GLY A 43 5.72 67.57 -15.99
CA GLY A 43 5.76 66.55 -14.96
C GLY A 43 7.12 65.84 -14.92
N GLN A 44 7.23 64.71 -15.62
CA GLN A 44 8.47 63.94 -15.67
C GLN A 44 8.25 62.61 -16.40
N ASN A 45 9.19 62.22 -17.25
CA ASN A 45 9.07 60.97 -17.99
C ASN A 45 7.78 60.93 -18.79
N GLN A 46 7.40 62.07 -19.37
CA GLN A 46 6.17 62.15 -20.16
C GLN A 46 6.40 63.05 -21.38
N LEU A 47 6.60 62.42 -22.56
CA LEU A 47 6.83 63.18 -23.80
C LEU A 47 5.62 63.06 -24.72
N TYR A 48 4.43 63.16 -24.14
CA TYR A 48 3.18 63.06 -24.91
C TYR A 48 3.30 61.97 -25.98
N ASN A 49 3.30 60.71 -25.53
CA ASN A 49 3.41 59.59 -26.44
C ASN A 49 2.83 58.32 -25.81
N GLU A 50 2.67 57.28 -26.61
CA GLU A 50 2.14 56.00 -26.12
C GLU A 50 0.77 56.20 -25.49
N LEU A 51 -0.09 55.19 -25.61
CA LEU A 51 -1.44 55.27 -25.03
C LEU A 51 -1.53 54.42 -23.76
N ASN A 52 -0.37 54.18 -23.13
CA ASN A 52 -0.35 53.38 -21.91
C ASN A 52 -1.12 52.07 -22.11
N LEU A 53 -0.49 51.13 -22.80
CA LEU A 53 -1.13 49.84 -23.07
C LEU A 53 -1.13 48.97 -21.82
N GLY A 54 -0.79 49.57 -20.68
CA GLY A 54 -0.75 48.82 -19.42
C GLY A 54 -2.16 48.44 -18.97
N ARG A 55 -2.74 47.44 -19.62
CA ARG A 55 -4.07 46.97 -19.29
C ARG A 55 -4.12 45.44 -19.40
N ARG A 56 -3.15 44.78 -18.80
CA ARG A 56 -3.06 43.33 -18.84
C ARG A 56 -1.91 42.83 -17.96
N GLU A 57 -2.21 41.88 -17.11
CA GLU A 57 -1.20 41.32 -16.21
C GLU A 57 -1.60 39.91 -15.77
N GLU A 58 -2.54 39.83 -14.83
CA GLU A 58 -2.99 38.54 -14.32
C GLU A 58 -3.99 37.92 -15.28
N TYR A 59 -3.50 37.12 -16.23
CA TYR A 59 -4.38 36.47 -17.22
C TYR A 59 -4.17 34.95 -17.18
N ASP A 60 -4.63 34.33 -16.10
CA ASP A 60 -4.50 32.88 -15.94
C ASP A 60 -5.39 32.14 -16.92
N VAL A 61 -6.25 32.88 -17.62
CA VAL A 61 -7.17 32.27 -18.58
C VAL A 61 -7.92 31.10 -17.95
N LEU A 62 -7.72 30.89 -16.64
CA LEU A 62 -8.39 29.81 -15.92
C LEU A 62 -8.93 30.31 -14.58
N ASP A 63 -10.08 30.99 -14.62
CA ASP A 63 -10.69 31.51 -13.41
C ASP A 63 -9.75 32.47 -12.70
N LYS A 64 -10.31 33.58 -12.23
CA LYS A 64 -9.52 34.60 -11.53
C LYS A 64 -8.85 33.97 -10.30
N ARG A 65 -9.12 32.69 -10.08
CA ARG A 65 -8.52 31.95 -8.94
C ARG A 65 -7.75 30.74 -9.44
N ARG A 66 -6.75 30.34 -8.67
CA ARG A 66 -5.92 29.19 -9.02
C ARG A 66 -6.71 27.90 -8.92
N GLY A 67 -6.86 27.22 -10.05
CA GLY A 67 -7.59 25.95 -10.09
C GLY A 67 -8.86 26.01 -9.24
N ARG A 68 -9.96 26.50 -9.83
CA ARG A 68 -11.23 26.60 -9.11
C ARG A 68 -12.41 26.56 -10.08
N ASP A 69 -12.87 25.36 -10.41
CA ASP A 69 -14.00 25.20 -11.33
C ASP A 69 -14.52 23.76 -11.28
N PRO A 70 -15.75 23.52 -11.71
CA PRO A 70 -16.33 22.14 -11.71
C PRO A 70 -15.34 21.07 -12.16
N GLU A 71 -14.27 21.50 -12.80
CA GLU A 71 -13.24 20.57 -13.29
C GLU A 71 -13.86 19.58 -14.27
N VAL A 72 -14.37 20.13 -15.38
CA VAL A 72 -15.00 19.33 -16.43
C VAL A 72 -15.73 18.10 -15.87
N GLY A 73 -16.13 18.21 -14.62
CA GLY A 73 -16.85 17.11 -13.96
C GLY A 73 -16.15 15.78 -14.23
N GLY A 74 -14.91 15.85 -14.70
CA GLY A 74 -14.15 14.63 -14.99
C GLY A 74 -13.60 14.01 -13.71
N LYS A 75 -14.00 12.76 -13.43
CA LYS A 75 -13.56 12.03 -12.22
C LYS A 75 -13.12 12.97 -11.10
N PRO A 76 -14.03 13.73 -10.55
CA PRO A 76 -13.73 14.70 -9.46
C PRO A 76 -13.53 14.00 -8.11
N GLN A 77 -12.46 13.22 -8.02
CA GLN A 77 -12.15 12.50 -6.79
C GLN A 77 -13.39 11.79 -6.27
N ARG A 78 -13.54 10.51 -6.62
CA ARG A 78 -14.70 9.74 -6.20
C ARG A 78 -14.30 8.28 -5.94
N ARG A 79 -12.99 8.03 -5.95
CA ARG A 79 -12.47 6.68 -5.72
C ARG A 79 -11.90 6.59 -4.31
N LYS A 80 -12.52 7.33 -3.38
CA LYS A 80 -12.08 7.32 -1.99
C LYS A 80 -12.67 6.13 -1.26
N ASN A 81 -12.36 4.94 -1.76
CA ASN A 81 -12.85 3.70 -1.18
C ASN A 81 -11.85 2.58 -1.42
N PRO A 82 -10.74 2.57 -0.73
CA PRO A 82 -9.70 1.52 -0.91
C PRO A 82 -10.29 0.11 -0.73
N GLN A 83 -9.87 -0.82 -1.58
CA GLN A 83 -10.36 -2.19 -1.51
C GLN A 83 -9.49 -3.11 -2.37
N GLU A 84 -8.61 -3.86 -1.73
CA GLU A 84 -7.72 -4.80 -2.44
C GLU A 84 -8.10 -6.24 -2.12
N GLY A 85 -9.32 -6.62 -2.51
CA GLY A 85 -9.81 -7.98 -2.28
C GLY A 85 -9.91 -8.74 -3.60
N LEU A 86 -9.07 -9.76 -3.75
CA LEU A 86 -9.04 -10.57 -4.97
C LEU A 86 -8.33 -9.82 -6.09
N TYR A 87 -7.96 -8.57 -5.83
CA TYR A 87 -7.25 -7.75 -6.83
C TYR A 87 -5.78 -7.63 -6.47
N ASN A 88 -5.43 -8.07 -5.26
CA ASN A 88 -4.04 -8.00 -4.81
C ASN A 88 -3.89 -8.70 -3.46
N GLU A 89 -2.80 -8.39 -2.76
CA GLU A 89 -2.52 -8.98 -1.45
C GLU A 89 -2.16 -10.45 -1.60
N LEU A 90 -3.11 -11.22 -2.12
CA LEU A 90 -2.90 -12.66 -2.35
C LEU A 90 -3.49 -13.06 -3.70
N GLN A 91 -2.79 -12.70 -4.79
CA GLN A 91 -3.25 -13.03 -6.13
C GLN A 91 -3.53 -14.52 -6.26
N LYS A 92 -2.48 -15.29 -6.57
CA LYS A 92 -2.61 -16.75 -6.72
C LYS A 92 -1.58 -17.47 -5.86
N ASP A 93 -1.77 -18.76 -5.64
CA ASP A 93 -0.85 -19.54 -4.85
C ASP A 93 -0.71 -18.92 -3.47
N LYS A 94 -0.25 -19.73 -2.51
CA LYS A 94 -0.08 -19.28 -1.12
C LYS A 94 -1.45 -19.20 -0.46
N VAL A 95 -2.49 -19.39 -1.25
CA VAL A 95 -3.88 -19.34 -0.73
C VAL A 95 -4.40 -20.75 -0.42
N ALA A 96 -3.56 -21.75 -0.59
CA ALA A 96 -3.96 -23.14 -0.32
C ALA A 96 -5.27 -23.48 -1.02
N GLU A 97 -5.78 -22.55 -1.82
CA GLU A 97 -7.04 -22.74 -2.57
C GLU A 97 -8.00 -23.63 -1.77
N ALA A 98 -8.12 -23.32 -0.49
CA ALA A 98 -9.00 -24.10 0.39
C ALA A 98 -8.63 -25.58 0.32
N TYR A 99 -7.38 -25.89 0.66
CA TYR A 99 -6.89 -27.28 0.64
C TYR A 99 -6.61 -27.76 2.06
N SER A 100 -7.63 -28.34 2.69
CA SER A 100 -7.49 -28.83 4.05
C SER A 100 -6.77 -27.81 4.93
N GLU A 101 -6.82 -26.53 4.53
CA GLU A 101 -6.17 -25.46 5.30
C GLU A 101 -7.19 -24.80 6.22
N ILE A 102 -8.47 -24.95 5.87
CA ILE A 102 -9.55 -24.37 6.66
C ILE A 102 -9.65 -25.05 8.03
N GLY A 103 -8.65 -25.84 8.36
CA GLY A 103 -8.61 -26.54 9.65
C GLY A 103 -7.60 -27.67 9.62
N VAL A 104 -6.58 -27.60 10.48
CA VAL A 104 -5.55 -28.65 10.54
C VAL A 104 -5.64 -29.40 11.86
N LYS A 105 -6.52 -30.38 11.91
CA LYS A 105 -6.73 -31.20 13.10
C LYS A 105 -7.23 -30.34 14.27
N GLY A 106 -7.04 -29.03 14.17
CA GLY A 106 -7.48 -28.13 15.23
C GLY A 106 -6.61 -28.31 16.47
N GLU A 107 -7.07 -27.75 17.60
CA GLU A 107 -6.34 -27.86 18.86
C GLU A 107 -7.30 -28.21 19.99
N ARG A 108 -7.36 -27.36 21.01
CA ARG A 108 -8.25 -27.60 22.14
C ARG A 108 -7.89 -28.92 22.82
N ARG A 109 -7.77 -28.89 24.14
CA ARG A 109 -7.43 -30.08 24.93
C ARG A 109 -8.51 -30.34 25.97
N ARG A 110 -8.15 -31.03 27.05
CA ARG A 110 -9.10 -31.35 28.11
C ARG A 110 -10.30 -32.11 27.56
N GLY A 111 -10.15 -33.42 27.42
CA GLY A 111 -11.23 -34.26 26.90
C GLY A 111 -10.74 -35.69 26.68
N LYS A 112 -10.21 -35.96 25.49
CA LYS A 112 -9.70 -37.29 25.17
C LYS A 112 -8.39 -37.18 24.37
N GLY A 113 -7.27 -37.40 25.04
CA GLY A 113 -5.97 -37.31 24.37
C GLY A 113 -5.77 -38.49 23.42
N HIS A 114 -4.59 -39.11 23.49
CA HIS A 114 -4.29 -40.24 22.64
C HIS A 114 -3.18 -41.07 23.27
N ASP A 115 -3.31 -42.39 23.16
CA ASP A 115 -2.30 -43.31 23.72
C ASP A 115 -1.88 -44.33 22.67
N GLY A 116 -0.69 -44.91 22.85
CA GLY A 116 -0.18 -45.89 21.90
C GLY A 116 -0.17 -45.31 20.49
N LEU A 117 0.89 -44.57 20.17
CA LEU A 117 0.99 -43.96 18.85
C LEU A 117 1.07 -45.05 17.77
N TYR A 118 1.74 -46.15 18.11
CA TYR A 118 1.89 -47.27 17.18
C TYR A 118 1.23 -48.53 17.74
N GLN A 119 -0.10 -48.59 17.63
CA GLN A 119 -0.85 -49.74 18.13
C GLN A 119 -0.29 -50.24 19.46
N GLY A 120 -0.67 -51.45 19.85
CA GLY A 120 -0.19 -52.01 21.11
C GLY A 120 1.30 -52.35 21.01
N LEU A 121 1.70 -53.45 21.64
CA LEU A 121 3.10 -53.86 21.63
C LEU A 121 3.21 -55.39 21.66
N SER A 122 4.24 -55.92 21.03
CA SER A 122 4.44 -57.37 20.99
C SER A 122 5.76 -57.71 20.29
N THR A 123 6.56 -56.68 20.01
CA THR A 123 7.84 -56.88 19.34
C THR A 123 8.98 -56.96 20.37
N ALA A 124 8.62 -57.28 21.60
CA ALA A 124 9.62 -57.37 22.68
C ALA A 124 9.21 -58.40 23.72
N THR A 125 8.40 -59.39 23.30
CA THR A 125 7.93 -60.42 24.22
C THR A 125 7.64 -61.71 23.46
N LYS A 126 6.91 -61.59 22.34
CA LYS A 126 6.56 -62.75 21.53
C LYS A 126 6.23 -63.96 22.41
N ASP A 127 7.26 -64.75 22.72
CA ASP A 127 7.07 -65.92 23.56
C ASP A 127 8.43 -66.45 24.04
N THR A 128 9.16 -65.61 24.78
CA THR A 128 10.48 -66.01 25.29
C THR A 128 10.78 -65.29 26.61
N TYR A 129 12.01 -64.83 26.76
CA TYR A 129 12.41 -64.14 27.97
C TYR A 129 12.04 -64.96 29.20
N ASP A 130 12.71 -66.10 29.37
CA ASP A 130 12.44 -66.97 30.51
C ASP A 130 10.96 -67.33 30.58
N ALA A 131 10.39 -67.72 29.44
CA ALA A 131 8.98 -68.07 29.40
C ALA A 131 8.13 -66.96 29.98
N LEU A 132 8.65 -65.73 29.90
CA LEU A 132 7.93 -64.57 30.43
C LEU A 132 7.28 -64.91 31.78
N HIS A 133 8.04 -64.73 32.87
CA HIS A 133 7.53 -65.00 34.20
C HIS A 133 7.09 -66.46 34.32
N VAL A 134 7.13 -66.98 35.55
CA VAL A 134 6.72 -68.37 35.78
C VAL A 134 5.20 -68.43 35.90
N GLN A 135 4.56 -68.59 34.76
CA GLN A 135 3.10 -68.67 34.68
C GLN A 135 2.44 -67.35 35.10
N ALA A 136 3.09 -66.63 36.00
CA ALA A 136 2.56 -65.34 36.47
C ALA A 136 1.12 -65.50 37.00
N LEU A 137 0.93 -65.28 38.30
CA LEU A 137 -0.41 -65.40 38.89
C LEU A 137 -0.56 -64.44 40.08
N PRO A 138 -1.67 -63.73 40.22
CA PRO A 138 -1.87 -62.78 41.35
C PRO A 138 -1.34 -63.32 42.69
N PRO A 139 -1.01 -62.45 43.62
CA PRO A 139 -0.50 -62.88 44.96
C PRO A 139 -1.27 -64.10 45.49
N ARG A 140 -0.62 -65.28 45.44
CA ARG A 140 -1.25 -66.51 45.92
C ARG A 140 -2.78 -66.49 45.70
N PHE A 31 4.67 87.51 -11.47
CA PHE A 31 5.27 86.85 -12.66
C PHE A 31 5.75 85.45 -12.28
N SER A 32 7.06 85.25 -12.28
CA SER A 32 7.63 83.95 -11.93
C SER A 32 6.90 82.83 -12.67
N ARG A 33 5.95 82.21 -11.99
CA ARG A 33 5.18 81.12 -12.60
C ARG A 33 4.20 81.65 -13.63
N SER A 34 4.05 80.93 -14.73
CA SER A 34 3.14 81.34 -15.80
C SER A 34 3.59 82.66 -16.42
N ALA A 35 3.62 82.73 -17.75
CA ALA A 35 4.05 83.95 -18.43
C ALA A 35 3.91 83.79 -19.94
N ASP A 36 2.68 83.68 -20.41
CA ASP A 36 2.44 83.52 -21.84
C ASP A 36 3.33 82.41 -22.40
N ALA A 37 3.41 81.30 -21.68
CA ALA A 37 4.24 80.16 -22.11
C ALA A 37 3.37 78.97 -22.50
N PRO A 38 3.91 78.01 -23.21
CA PRO A 38 3.15 76.80 -23.65
C PRO A 38 2.85 75.87 -22.47
N ALA A 39 1.83 75.01 -22.63
CA ALA A 39 1.44 74.06 -21.58
C ALA A 39 1.12 72.69 -22.18
N TYR A 40 0.02 72.59 -22.90
CA TYR A 40 -0.36 71.33 -23.53
C TYR A 40 -0.34 70.19 -22.50
N GLN A 41 -1.52 69.85 -21.99
CA GLN A 41 -1.63 68.78 -21.01
C GLN A 41 -0.87 69.14 -19.74
N GLN A 42 -1.48 68.87 -18.60
CA GLN A 42 -0.85 69.18 -17.32
C GLN A 42 0.57 68.64 -17.28
N GLY A 43 0.81 67.59 -18.05
CA GLY A 43 2.13 66.97 -18.10
C GLY A 43 2.38 66.12 -16.87
N GLN A 44 2.50 66.78 -15.71
CA GLN A 44 2.74 66.09 -14.44
C GLN A 44 3.59 64.84 -14.64
N ASN A 45 4.72 65.00 -15.30
CA ASN A 45 5.62 63.87 -15.56
C ASN A 45 4.90 62.80 -16.37
N GLN A 46 4.14 63.22 -17.36
CA GLN A 46 3.40 62.29 -18.20
C GLN A 46 2.82 63.01 -19.42
N LEU A 47 3.51 62.94 -20.55
CA LEU A 47 3.05 63.60 -21.78
C LEU A 47 2.08 62.70 -22.54
N TYR A 48 1.41 61.82 -21.79
CA TYR A 48 0.46 60.89 -22.39
C TYR A 48 1.05 60.24 -23.63
N ASN A 49 2.04 59.36 -23.43
CA ASN A 49 2.70 58.66 -24.53
C ASN A 49 2.32 57.19 -24.54
N GLU A 50 1.35 56.82 -23.69
CA GLU A 50 0.91 55.43 -23.60
C GLU A 50 -0.53 55.38 -23.08
N LEU A 51 -0.92 54.23 -22.54
CA LEU A 51 -2.27 54.05 -22.01
C LEU A 51 -2.23 53.28 -20.69
N ASN A 52 -1.54 53.83 -19.71
CA ASN A 52 -1.42 53.19 -18.41
C ASN A 52 -0.65 51.87 -18.51
N LEU A 53 -0.36 51.46 -19.75
CA LEU A 53 0.37 50.22 -19.98
C LEU A 53 -0.18 49.09 -19.11
N GLY A 54 -1.35 49.31 -18.52
CA GLY A 54 -1.97 48.31 -17.67
C GLY A 54 -2.70 47.25 -18.50
N ARG A 55 -2.64 46.00 -18.07
CA ARG A 55 -3.28 44.91 -18.76
C ARG A 55 -2.78 44.83 -20.20
N ARG A 56 -2.17 43.70 -20.54
CA ARG A 56 -1.64 43.50 -21.88
C ARG A 56 -1.37 42.02 -22.11
N GLU A 57 -2.24 41.40 -22.90
CA GLU A 57 -2.10 39.98 -23.23
C GLU A 57 -2.12 39.14 -21.96
N GLU A 58 -3.28 39.08 -21.31
CA GLU A 58 -3.43 38.30 -20.09
C GLU A 58 -4.90 38.23 -19.68
N TYR A 59 -5.39 37.02 -19.39
CA TYR A 59 -6.78 36.82 -18.98
C TYR A 59 -6.87 35.78 -17.88
N ASP A 60 -6.45 36.15 -16.68
CA ASP A 60 -6.49 35.23 -15.54
C ASP A 60 -6.01 33.84 -15.94
N VAL A 61 -5.10 33.78 -16.92
CA VAL A 61 -4.57 32.50 -17.40
C VAL A 61 -3.13 32.30 -16.91
N LEU A 62 -2.91 32.58 -15.63
CA LEU A 62 -1.57 32.43 -15.04
C LEU A 62 -1.68 32.06 -13.56
N ASP A 63 -2.87 31.69 -13.12
CA ASP A 63 -3.08 31.32 -11.72
C ASP A 63 -2.76 32.52 -10.83
N LYS A 64 -3.62 32.75 -9.84
CA LYS A 64 -3.42 33.87 -8.92
C LYS A 64 -2.40 33.48 -7.85
N ARG A 65 -1.91 32.24 -7.93
CA ARG A 65 -0.91 31.73 -6.99
C ARG A 65 0.23 31.05 -7.72
N ARG A 66 0.35 29.73 -7.53
CA ARG A 66 1.42 28.96 -8.19
C ARG A 66 0.93 27.56 -8.52
N GLY A 67 -0.19 27.48 -9.24
CA GLY A 67 -0.75 26.19 -9.62
C GLY A 67 -2.23 26.33 -9.95
N ARG A 68 -2.67 25.73 -11.06
CA ARG A 68 -4.08 25.78 -11.47
C ARG A 68 -4.60 24.38 -11.77
N ASP A 69 -4.96 23.65 -10.72
CA ASP A 69 -5.49 22.30 -10.88
C ASP A 69 -4.44 21.38 -11.54
N PRO A 70 -4.58 20.08 -11.39
CA PRO A 70 -3.62 19.11 -12.01
C PRO A 70 -3.73 19.08 -13.53
N GLU A 71 -4.33 20.12 -14.10
CA GLU A 71 -4.52 20.23 -15.56
C GLU A 71 -5.36 19.07 -16.08
N VAL A 72 -6.40 18.73 -15.32
CA VAL A 72 -7.29 17.63 -15.69
C VAL A 72 -6.54 16.30 -15.67
N GLY A 73 -6.43 15.72 -14.48
CA GLY A 73 -5.73 14.44 -14.31
C GLY A 73 -6.71 13.28 -14.21
N GLY A 74 -7.66 13.23 -15.15
CA GLY A 74 -8.66 12.16 -15.15
C GLY A 74 -8.02 10.79 -15.38
N LYS A 75 -7.15 10.71 -16.39
CA LYS A 75 -6.45 9.46 -16.71
C LYS A 75 -4.98 9.55 -16.30
N PRO A 76 -4.34 10.67 -16.52
CA PRO A 76 -2.90 10.87 -16.16
C PRO A 76 -2.61 10.57 -14.69
N GLN A 77 -3.59 10.83 -13.84
CA GLN A 77 -3.46 10.60 -12.40
C GLN A 77 -4.63 9.74 -11.89
N ARG A 78 -4.52 8.42 -12.09
CA ARG A 78 -5.56 7.50 -11.64
C ARG A 78 -4.99 6.09 -11.51
N ARG A 79 -5.70 5.24 -10.78
CA ARG A 79 -5.26 3.86 -10.57
C ARG A 79 -4.05 3.83 -9.62
N LYS A 80 -3.38 4.97 -9.51
CA LYS A 80 -2.19 5.07 -8.67
C LYS A 80 -2.58 5.20 -7.20
N ASN A 81 -2.89 4.07 -6.58
CA ASN A 81 -3.26 4.07 -5.17
C ASN A 81 -3.52 2.63 -4.67
N PRO A 82 -3.15 2.29 -3.46
CA PRO A 82 -3.39 0.92 -2.91
C PRO A 82 -4.88 0.68 -2.68
N GLN A 83 -5.43 -0.39 -3.28
CA GLN A 83 -6.85 -0.71 -3.13
C GLN A 83 -7.17 -2.02 -3.84
N GLU A 84 -6.15 -2.65 -4.39
CA GLU A 84 -6.33 -3.91 -5.11
C GLU A 84 -6.51 -5.06 -4.13
N GLY A 85 -7.42 -4.89 -3.18
CA GLY A 85 -7.67 -5.94 -2.18
C GLY A 85 -8.18 -7.22 -2.84
N LEU A 86 -9.22 -7.09 -3.67
CA LEU A 86 -9.78 -8.25 -4.37
C LEU A 86 -8.93 -8.61 -5.58
N TYR A 87 -8.03 -7.71 -5.95
CA TYR A 87 -7.15 -7.91 -7.10
C TYR A 87 -5.69 -7.80 -6.69
N ASN A 88 -5.37 -8.31 -5.50
CA ASN A 88 -4.00 -8.25 -5.01
C ASN A 88 -3.02 -8.65 -6.10
N GLU A 89 -1.87 -8.00 -6.12
CA GLU A 89 -0.85 -8.28 -7.13
C GLU A 89 -0.37 -9.73 -7.01
N LEU A 90 -0.97 -10.47 -6.08
CA LEU A 90 -0.61 -11.87 -5.85
C LEU A 90 -1.81 -12.77 -6.11
N GLN A 91 -3.00 -12.16 -6.24
CA GLN A 91 -4.22 -12.93 -6.50
C GLN A 91 -3.94 -14.04 -7.52
N LYS A 92 -3.88 -15.29 -7.05
CA LYS A 92 -3.62 -16.43 -7.93
C LYS A 92 -4.35 -17.68 -7.44
N ASP A 93 -4.73 -17.66 -6.17
CA ASP A 93 -5.43 -18.79 -5.57
C ASP A 93 -4.82 -20.11 -6.00
N LYS A 94 -3.58 -20.36 -5.55
CA LYS A 94 -2.88 -21.60 -5.89
C LYS A 94 -2.00 -22.04 -4.72
N VAL A 95 -1.60 -21.08 -3.91
CA VAL A 95 -0.75 -21.38 -2.75
C VAL A 95 -1.55 -22.12 -1.68
N ALA A 96 -2.86 -21.98 -1.69
CA ALA A 96 -3.73 -22.63 -0.72
C ALA A 96 -5.19 -22.48 -1.13
N GLU A 97 -5.79 -23.53 -1.67
CA GLU A 97 -7.18 -23.48 -2.11
C GLU A 97 -8.09 -24.00 -1.00
N ALA A 98 -8.25 -23.20 0.03
CA ALA A 98 -9.09 -23.59 1.16
C ALA A 98 -8.70 -24.97 1.65
N TYR A 99 -7.40 -25.18 1.86
CA TYR A 99 -6.89 -26.47 2.34
C TYR A 99 -6.11 -26.27 3.64
N SER A 100 -6.72 -26.64 4.76
CA SER A 100 -6.06 -26.49 6.04
C SER A 100 -5.50 -25.08 6.21
N GLU A 101 -6.00 -24.15 5.41
CA GLU A 101 -5.54 -22.76 5.49
C GLU A 101 -6.12 -22.11 6.73
N ILE A 102 -6.14 -22.86 7.83
CA ILE A 102 -6.69 -22.38 9.10
C ILE A 102 -6.06 -23.10 10.29
N GLY A 103 -5.03 -23.89 10.02
CA GLY A 103 -4.35 -24.64 11.07
C GLY A 103 -2.97 -25.10 10.62
N VAL A 104 -2.94 -26.14 9.80
CA VAL A 104 -1.68 -26.67 9.30
C VAL A 104 -0.80 -27.15 10.47
N LYS A 105 -1.24 -28.20 11.12
CA LYS A 105 -0.50 -28.76 12.24
C LYS A 105 -0.49 -27.77 13.41
N GLY A 106 -1.09 -26.60 13.20
CA GLY A 106 -1.16 -25.58 14.24
C GLY A 106 0.19 -25.45 14.94
N GLU A 107 0.21 -24.74 16.08
CA GLU A 107 1.44 -24.57 16.83
C GLU A 107 1.15 -23.97 18.19
N ARG A 108 0.60 -24.78 19.09
CA ARG A 108 0.26 -24.32 20.43
C ARG A 108 -0.14 -25.48 21.31
N ARG A 109 0.75 -25.88 22.21
CA ARG A 109 0.47 -26.98 23.12
C ARG A 109 1.49 -27.01 24.25
N ARG A 110 1.02 -26.75 25.47
CA ARG A 110 1.89 -26.75 26.64
C ARG A 110 1.20 -27.39 27.84
N GLY A 111 1.32 -28.71 27.95
CA GLY A 111 0.70 -29.45 29.05
C GLY A 111 0.08 -30.76 28.55
N LYS A 112 0.69 -31.88 28.91
CA LYS A 112 0.18 -33.18 28.49
C LYS A 112 -0.11 -33.20 26.99
N GLY A 113 0.91 -33.50 26.19
CA GLY A 113 0.74 -33.54 24.74
C GLY A 113 1.98 -34.13 24.07
N HIS A 114 2.16 -35.44 24.21
CA HIS A 114 3.30 -36.11 23.61
C HIS A 114 3.12 -37.62 23.65
N ASP A 115 2.55 -38.18 22.58
CA ASP A 115 2.33 -39.61 22.49
C ASP A 115 1.82 -40.00 21.10
N GLY A 116 2.31 -41.12 20.57
CA GLY A 116 1.90 -41.58 19.25
C GLY A 116 3.07 -42.19 18.50
N LEU A 117 3.13 -43.52 18.49
CA LEU A 117 4.20 -44.24 17.81
C LEU A 117 3.91 -45.73 17.77
N TYR A 118 3.16 -46.16 16.75
CA TYR A 118 2.82 -47.58 16.61
C TYR A 118 2.46 -48.18 17.97
N GLN A 119 1.16 -48.23 18.26
CA GLN A 119 0.68 -48.78 19.53
C GLN A 119 0.47 -50.29 19.41
N GLY A 120 0.18 -50.93 20.53
CA GLY A 120 -0.04 -52.38 20.55
C GLY A 120 1.29 -53.13 20.68
N LEU A 121 2.37 -52.38 20.89
CA LEU A 121 3.69 -52.99 21.04
C LEU A 121 3.92 -53.39 22.49
N SER A 122 3.82 -54.69 22.76
CA SER A 122 4.02 -55.20 24.11
C SER A 122 3.60 -56.66 24.19
N THR A 123 3.05 -57.18 23.09
CA THR A 123 2.61 -58.57 23.04
C THR A 123 3.63 -59.43 22.28
N ALA A 124 4.60 -58.77 21.66
CA ALA A 124 5.63 -59.47 20.90
C ALA A 124 6.46 -60.34 21.84
N THR A 125 6.69 -59.86 23.07
CA THR A 125 7.46 -60.60 24.05
C THR A 125 7.05 -60.21 25.46
N LYS A 126 6.58 -61.17 26.24
CA LYS A 126 6.16 -60.91 27.61
C LYS A 126 6.22 -62.19 28.44
N ASP A 127 6.36 -63.33 27.76
CA ASP A 127 6.44 -64.60 28.45
C ASP A 127 6.84 -65.71 27.48
N THR A 128 7.79 -65.42 26.61
CA THR A 128 8.26 -66.40 25.62
C THR A 128 9.78 -66.40 25.56
N TYR A 129 10.31 -66.47 24.34
CA TYR A 129 11.76 -66.47 24.15
C TYR A 129 12.39 -67.60 24.99
N ASP A 130 13.57 -67.34 25.52
CA ASP A 130 14.26 -68.34 26.33
C ASP A 130 13.58 -68.48 27.69
N ALA A 131 12.24 -68.37 27.69
CA ALA A 131 11.49 -68.49 28.94
C ALA A 131 11.89 -67.37 29.90
N LEU A 132 10.89 -66.77 30.57
CA LEU A 132 11.15 -65.68 31.52
C LEU A 132 10.61 -66.07 32.89
N HIS A 133 11.51 -66.23 33.86
CA HIS A 133 11.10 -66.61 35.22
C HIS A 133 10.55 -68.03 35.24
N VAL A 134 9.87 -68.42 34.17
CA VAL A 134 9.30 -69.77 34.09
C VAL A 134 8.26 -69.96 35.18
N GLN A 135 7.46 -68.93 35.42
CA GLN A 135 6.42 -69.00 36.45
C GLN A 135 6.92 -69.72 37.69
N ALA A 136 7.43 -68.97 38.66
CA ALA A 136 7.95 -69.57 39.89
C ALA A 136 7.63 -68.67 41.09
N LEU A 137 6.33 -68.54 41.39
CA LEU A 137 5.91 -67.72 42.52
C LEU A 137 6.63 -66.37 42.49
N PRO A 138 6.17 -65.43 41.70
CA PRO A 138 6.81 -64.09 41.59
C PRO A 138 6.41 -63.16 42.73
N PRO A 139 7.14 -62.08 42.94
CA PRO A 139 6.83 -61.10 44.01
C PRO A 139 5.33 -60.74 44.07
N ARG A 140 4.84 -60.43 45.26
CA ARG A 140 3.43 -60.07 45.43
C ARG A 140 3.14 -58.73 44.77
N PHE A 31 5.12 87.59 -18.16
CA PHE A 31 6.03 86.55 -18.74
C PHE A 31 6.30 85.49 -17.69
N SER A 32 5.82 85.72 -16.48
CA SER A 32 6.04 84.77 -15.39
C SER A 32 5.45 83.42 -15.76
N ARG A 33 4.23 83.43 -16.31
CA ARG A 33 3.58 82.19 -16.72
C ARG A 33 2.27 82.49 -17.43
N SER A 34 2.34 83.26 -18.51
CA SER A 34 1.15 83.61 -19.26
C SER A 34 1.53 84.32 -20.55
N ALA A 35 0.60 84.36 -21.49
CA ALA A 35 0.83 85.02 -22.78
C ALA A 35 1.77 84.18 -23.65
N ASP A 36 2.67 83.46 -22.99
CA ASP A 36 3.64 82.61 -23.70
C ASP A 36 3.49 81.15 -23.27
N ALA A 37 2.26 80.74 -22.98
CA ALA A 37 1.99 79.36 -22.56
C ALA A 37 1.08 78.66 -23.58
N PRO A 38 1.63 78.11 -24.66
CA PRO A 38 0.81 77.42 -25.71
C PRO A 38 -0.10 76.35 -25.13
N ALA A 39 0.09 76.06 -23.84
CA ALA A 39 -0.71 75.04 -23.16
C ALA A 39 -0.26 73.65 -23.61
N TYR A 40 -0.17 72.72 -22.65
CA TYR A 40 0.24 71.35 -22.96
C TYR A 40 -0.07 70.41 -21.79
N GLN A 41 0.58 70.66 -20.64
CA GLN A 41 0.37 69.83 -19.46
C GLN A 41 -0.01 70.69 -18.27
N GLN A 42 -1.27 71.11 -18.23
CA GLN A 42 -1.75 71.95 -17.14
C GLN A 42 -1.92 71.14 -15.85
N GLY A 43 -1.79 69.82 -15.98
CA GLY A 43 -1.94 68.93 -14.85
C GLY A 43 -2.06 67.49 -15.34
N GLN A 44 -2.16 66.56 -14.40
CA GLN A 44 -2.29 65.13 -14.74
C GLN A 44 -0.98 64.60 -15.31
N ASN A 45 -0.11 65.51 -15.75
CA ASN A 45 1.16 65.11 -16.33
C ASN A 45 0.94 64.10 -17.45
N GLN A 46 0.72 64.59 -18.66
CA GLN A 46 0.50 63.72 -19.82
C GLN A 46 1.35 64.16 -21.00
N LEU A 47 2.62 63.77 -20.98
CA LEU A 47 3.54 64.14 -22.06
C LEU A 47 3.31 63.26 -23.29
N TYR A 48 2.36 62.33 -23.19
CA TYR A 48 2.05 61.44 -24.31
C TYR A 48 3.25 60.57 -24.65
N ASN A 49 3.53 59.59 -23.78
CA ASN A 49 4.66 58.69 -24.00
C ASN A 49 4.54 57.46 -23.11
N GLU A 50 3.78 57.61 -22.01
CA GLU A 50 3.59 56.51 -21.07
C GLU A 50 2.11 56.13 -20.98
N LEU A 51 1.84 54.83 -20.88
CA LEU A 51 0.48 54.34 -20.80
C LEU A 51 0.46 52.90 -20.28
N ASN A 52 0.54 52.75 -18.96
CA ASN A 52 0.53 51.42 -18.36
C ASN A 52 1.73 50.61 -18.83
N LEU A 53 2.42 50.00 -17.87
CA LEU A 53 3.60 49.19 -18.17
C LEU A 53 3.26 48.09 -19.16
N GLY A 54 1.97 47.98 -19.50
CA GLY A 54 1.50 46.96 -20.44
C GLY A 54 0.68 45.90 -19.72
N ARG A 55 -0.53 45.67 -20.21
CA ARG A 55 -1.42 44.68 -19.62
C ARG A 55 -1.11 43.28 -20.16
N ARG A 56 -2.11 42.67 -20.78
CA ARG A 56 -1.94 41.34 -21.35
C ARG A 56 -1.51 40.35 -20.26
N GLU A 57 -2.48 39.92 -19.47
CA GLU A 57 -2.21 38.98 -18.39
C GLU A 57 -3.52 38.54 -17.74
N GLU A 58 -4.14 39.43 -16.98
CA GLU A 58 -5.40 39.12 -16.30
C GLU A 58 -6.46 38.70 -17.31
N TYR A 59 -6.37 37.46 -17.78
CA TYR A 59 -7.33 36.93 -18.75
C TYR A 59 -7.59 35.46 -18.48
N ASP A 60 -8.08 35.16 -17.28
CA ASP A 60 -8.37 33.79 -16.89
C ASP A 60 -7.18 32.89 -17.22
N VAL A 61 -7.21 32.37 -18.43
CA VAL A 61 -6.15 31.46 -18.90
C VAL A 61 -6.06 30.23 -18.00
N LEU A 62 -6.77 30.27 -16.88
CA LEU A 62 -6.75 29.17 -15.93
C LEU A 62 -7.77 29.42 -14.82
N ASP A 63 -9.00 28.98 -15.03
CA ASP A 63 -10.05 29.16 -14.04
C ASP A 63 -10.22 30.64 -13.69
N LYS A 64 -11.42 31.16 -13.94
CA LYS A 64 -11.70 32.57 -13.63
C LYS A 64 -11.60 32.81 -12.13
N ARG A 65 -12.00 31.81 -11.36
CA ARG A 65 -11.95 31.93 -9.91
C ARG A 65 -12.10 30.55 -9.26
N ARG A 66 -13.19 29.88 -9.58
CA ARG A 66 -13.45 28.55 -9.03
C ARG A 66 -14.00 27.63 -10.11
N GLY A 67 -13.41 26.45 -10.25
CA GLY A 67 -13.83 25.49 -11.25
C GLY A 67 -12.78 24.42 -11.46
N ARG A 68 -11.73 24.74 -12.21
CA ARG A 68 -10.66 23.79 -12.48
C ARG A 68 -11.25 22.47 -12.97
N ASP A 69 -11.59 22.41 -14.24
CA ASP A 69 -12.17 21.20 -14.82
C ASP A 69 -11.16 20.04 -14.81
N PRO A 70 -11.62 18.80 -14.74
CA PRO A 70 -10.71 17.62 -14.73
C PRO A 70 -9.97 17.44 -16.07
N GLU A 71 -9.85 18.53 -16.83
CA GLU A 71 -9.16 18.50 -18.12
C GLU A 71 -9.68 17.34 -18.98
N VAL A 72 -10.94 16.97 -18.77
CA VAL A 72 -11.58 15.88 -19.53
C VAL A 72 -10.56 14.82 -19.92
N GLY A 73 -9.76 14.41 -18.95
CA GLY A 73 -8.71 13.41 -19.14
C GLY A 73 -8.94 12.19 -18.27
N GLY A 74 -10.14 11.61 -18.37
CA GLY A 74 -10.49 10.42 -17.57
C GLY A 74 -11.21 10.82 -16.29
N LYS A 75 -12.32 10.17 -15.98
CA LYS A 75 -13.08 10.48 -14.77
C LYS A 75 -13.88 9.25 -14.33
N PRO A 76 -13.22 8.13 -14.15
CA PRO A 76 -13.88 6.86 -13.71
C PRO A 76 -14.27 6.90 -12.24
N GLN A 77 -15.30 7.68 -11.94
CA GLN A 77 -15.78 7.81 -10.55
C GLN A 77 -16.53 6.55 -10.14
N ARG A 78 -16.80 5.68 -11.11
CA ARG A 78 -17.53 4.44 -10.85
C ARG A 78 -16.65 3.44 -10.12
N ARG A 79 -16.00 3.88 -9.05
CA ARG A 79 -15.15 2.99 -8.26
C ARG A 79 -15.48 3.19 -6.78
N LYS A 80 -15.89 2.12 -6.11
CA LYS A 80 -16.24 2.20 -4.69
C LYS A 80 -16.64 0.82 -4.15
N ASN A 81 -16.52 0.65 -2.85
CA ASN A 81 -16.91 -0.62 -2.21
C ASN A 81 -16.10 -1.79 -2.82
N PRO A 82 -16.00 -2.91 -2.12
CA PRO A 82 -15.26 -4.09 -2.63
C PRO A 82 -15.51 -4.33 -4.12
N GLN A 83 -14.45 -4.54 -4.90
CA GLN A 83 -14.57 -4.79 -6.33
C GLN A 83 -13.20 -5.10 -6.92
N GLU A 84 -12.18 -5.10 -6.08
CA GLU A 84 -10.82 -5.39 -6.50
C GLU A 84 -10.27 -6.65 -5.83
N GLY A 85 -11.18 -7.56 -5.49
CA GLY A 85 -10.77 -8.81 -4.84
C GLY A 85 -10.17 -9.78 -5.86
N LEU A 86 -11.01 -10.26 -6.76
CA LEU A 86 -10.56 -11.20 -7.79
C LEU A 86 -9.62 -10.52 -8.78
N TYR A 87 -9.86 -9.23 -9.03
CA TYR A 87 -9.03 -8.47 -9.97
C TYR A 87 -7.58 -8.43 -9.50
N ASN A 88 -7.38 -8.75 -8.24
CA ASN A 88 -6.04 -8.74 -7.66
C ASN A 88 -6.06 -9.25 -6.23
N GLU A 89 -5.70 -8.39 -5.28
CA GLU A 89 -5.69 -8.76 -3.88
C GLU A 89 -4.84 -10.01 -3.67
N LEU A 90 -3.54 -9.81 -3.40
CA LEU A 90 -2.61 -10.93 -3.16
C LEU A 90 -3.17 -12.27 -3.65
N GLN A 91 -3.47 -12.31 -4.95
CA GLN A 91 -4.02 -13.53 -5.57
C GLN A 91 -2.91 -14.32 -6.27
N LYS A 92 -2.68 -15.54 -5.81
CA LYS A 92 -1.66 -16.39 -6.38
C LYS A 92 -1.69 -17.78 -5.74
N ASP A 93 -2.69 -18.57 -6.10
CA ASP A 93 -2.83 -19.92 -5.55
C ASP A 93 -2.50 -19.95 -4.07
N LYS A 94 -2.93 -18.93 -3.35
CA LYS A 94 -2.68 -18.83 -1.91
C LYS A 94 -3.99 -18.81 -1.13
N VAL A 95 -5.08 -18.63 -1.86
CA VAL A 95 -6.41 -18.59 -1.23
C VAL A 95 -6.78 -19.98 -0.70
N ALA A 96 -6.17 -21.01 -1.27
CA ALA A 96 -6.46 -22.38 -0.84
C ALA A 96 -7.96 -22.63 -0.85
N GLU A 97 -8.50 -22.83 -2.05
CA GLU A 97 -9.94 -23.08 -2.20
C GLU A 97 -10.28 -24.45 -1.60
N ALA A 98 -10.21 -24.53 -0.28
CA ALA A 98 -10.50 -25.77 0.40
C ALA A 98 -9.73 -26.92 -0.23
N TYR A 99 -8.41 -26.88 -0.09
CA TYR A 99 -7.54 -27.91 -0.64
C TYR A 99 -6.43 -28.24 0.36
N SER A 100 -6.54 -29.38 1.04
CA SER A 100 -5.53 -29.79 2.01
C SER A 100 -5.22 -28.66 2.99
N GLU A 101 -6.16 -27.72 3.13
CA GLU A 101 -5.97 -26.60 4.05
C GLU A 101 -7.33 -26.07 4.49
N ILE A 102 -7.88 -26.65 5.55
CA ILE A 102 -9.20 -26.24 6.06
C ILE A 102 -9.23 -26.34 7.58
N GLY A 103 -8.04 -26.28 8.19
CA GLY A 103 -7.92 -26.39 9.65
C GLY A 103 -7.06 -27.59 10.04
N VAL A 104 -7.24 -28.69 9.31
CA VAL A 104 -6.48 -29.91 9.59
C VAL A 104 -6.66 -30.37 11.05
N LYS A 105 -7.35 -29.56 11.84
CA LYS A 105 -7.58 -29.89 13.24
C LYS A 105 -8.66 -29.00 13.81
N GLY A 106 -9.00 -27.96 13.07
CA GLY A 106 -10.03 -27.01 13.52
C GLY A 106 -9.62 -26.37 14.83
N GLU A 107 -10.48 -26.47 15.85
CA GLU A 107 -10.17 -25.91 17.17
C GLU A 107 -11.01 -26.59 18.23
N ARG A 108 -10.66 -27.84 18.54
CA ARG A 108 -11.38 -28.62 19.55
C ARG A 108 -10.41 -29.38 20.44
N ARG A 109 -10.75 -29.47 21.72
CA ARG A 109 -9.92 -30.18 22.69
C ARG A 109 -10.79 -30.78 23.78
N ARG A 110 -10.38 -31.94 24.28
CA ARG A 110 -11.11 -32.63 25.35
C ARG A 110 -12.30 -33.40 24.78
N GLY A 111 -12.02 -34.54 24.17
CA GLY A 111 -13.07 -35.37 23.59
C GLY A 111 -12.64 -36.83 23.51
N LYS A 112 -12.42 -37.45 24.67
CA LYS A 112 -12.00 -38.84 24.73
C LYS A 112 -11.07 -39.19 23.58
N GLY A 113 -10.29 -38.20 23.14
CA GLY A 113 -9.36 -38.40 22.03
C GLY A 113 -7.91 -38.45 22.53
N HIS A 114 -7.60 -39.46 23.33
CA HIS A 114 -6.25 -39.61 23.87
C HIS A 114 -5.95 -41.07 24.17
N ASP A 115 -5.67 -41.85 23.13
CA ASP A 115 -5.38 -43.26 23.31
C ASP A 115 -4.77 -43.84 22.04
N GLY A 116 -3.44 -43.84 21.95
CA GLY A 116 -2.76 -44.36 20.78
C GLY A 116 -1.26 -44.18 20.90
N LEU A 117 -0.70 -43.34 20.03
CA LEU A 117 0.75 -43.08 20.04
C LEU A 117 1.51 -44.39 20.25
N TYR A 118 1.76 -45.10 19.15
CA TYR A 118 2.47 -46.37 19.22
C TYR A 118 1.84 -47.28 20.26
N GLN A 119 0.89 -48.11 19.82
CA GLN A 119 0.21 -49.02 20.72
C GLN A 119 1.11 -50.20 21.08
N GLY A 120 1.08 -50.62 22.35
CA GLY A 120 1.89 -51.74 22.80
C GLY A 120 3.38 -51.46 22.58
N LEU A 121 4.18 -51.89 23.55
CA LEU A 121 5.63 -51.68 23.46
C LEU A 121 6.22 -52.51 22.34
N SER A 122 5.68 -53.71 22.13
CA SER A 122 6.17 -54.59 21.07
C SER A 122 7.69 -54.76 21.20
N THR A 123 8.42 -54.31 20.19
CA THR A 123 9.87 -54.43 20.20
C THR A 123 10.29 -55.86 20.52
N ALA A 124 10.95 -56.05 21.67
CA ALA A 124 11.39 -57.38 22.09
C ALA A 124 10.46 -57.95 23.15
N THR A 125 9.21 -57.49 23.14
CA THR A 125 8.21 -57.97 24.11
C THR A 125 6.99 -58.54 23.39
N LYS A 126 6.70 -59.82 23.63
CA LYS A 126 5.57 -60.47 23.00
C LYS A 126 5.38 -61.88 23.57
N ASP A 127 6.14 -62.84 23.03
CA ASP A 127 6.05 -64.23 23.49
C ASP A 127 7.07 -64.48 24.60
N THR A 128 7.85 -63.45 24.91
CA THR A 128 8.87 -63.58 25.95
C THR A 128 9.89 -64.64 25.58
N TYR A 129 11.03 -64.20 25.04
CA TYR A 129 12.08 -65.12 24.64
C TYR A 129 12.60 -65.88 25.86
N ASP A 130 12.79 -65.17 26.96
CA ASP A 130 13.29 -65.78 28.18
C ASP A 130 12.21 -66.68 28.80
N ALA A 131 10.96 -66.42 28.45
CA ALA A 131 9.85 -67.22 28.98
C ALA A 131 9.88 -67.22 30.51
N LEU A 132 9.53 -66.07 31.11
CA LEU A 132 9.51 -65.94 32.57
C LEU A 132 8.09 -65.69 33.06
N HIS A 133 7.31 -66.75 33.17
CA HIS A 133 5.93 -66.64 33.63
C HIS A 133 5.90 -66.08 35.05
N VAL A 134 6.59 -66.79 35.97
CA VAL A 134 6.67 -66.40 37.40
C VAL A 134 5.75 -65.23 37.72
N GLN A 135 4.60 -65.54 38.30
CA GLN A 135 3.62 -64.50 38.63
C GLN A 135 3.20 -64.59 40.09
N ALA A 136 4.19 -64.68 40.99
CA ALA A 136 3.91 -64.77 42.42
C ALA A 136 2.75 -65.73 42.69
N LEU A 137 3.07 -66.99 43.01
CA LEU A 137 2.05 -68.02 43.28
C LEU A 137 0.79 -67.41 43.90
N PRO A 138 -0.38 -68.00 43.67
CA PRO A 138 -1.65 -67.46 44.23
C PRO A 138 -1.65 -67.45 45.76
N PRO A 139 -2.49 -66.64 46.38
CA PRO A 139 -2.57 -66.57 47.87
C PRO A 139 -2.53 -67.95 48.54
N ARG A 140 -1.32 -68.38 48.95
CA ARG A 140 -1.16 -69.67 49.63
C ARG A 140 -2.14 -70.72 49.08
N PHE A 31 10.91 85.39 -7.13
CA PHE A 31 9.58 85.60 -6.50
C PHE A 31 9.13 84.29 -5.84
N SER A 32 8.97 83.25 -6.65
CA SER A 32 8.53 81.96 -6.15
C SER A 32 8.95 80.85 -7.11
N ARG A 33 8.19 79.76 -7.12
CA ARG A 33 8.48 78.62 -8.00
C ARG A 33 7.21 78.12 -8.66
N SER A 34 7.36 77.40 -9.78
CA SER A 34 6.22 76.87 -10.50
C SER A 34 5.62 77.96 -11.37
N ALA A 35 4.69 77.57 -12.24
CA ALA A 35 4.02 78.51 -13.14
C ALA A 35 4.87 78.76 -14.38
N ASP A 36 6.18 78.70 -14.20
CA ASP A 36 7.11 78.91 -15.30
C ASP A 36 6.91 77.85 -16.38
N ALA A 37 6.67 76.62 -15.93
CA ALA A 37 6.46 75.50 -16.84
C ALA A 37 7.67 75.32 -17.76
N PRO A 38 7.96 74.10 -18.19
CA PRO A 38 9.11 73.84 -19.10
C PRO A 38 8.86 74.34 -20.52
N ALA A 39 7.71 74.97 -20.72
CA ALA A 39 7.35 75.50 -22.04
C ALA A 39 6.77 74.40 -22.93
N TYR A 40 7.31 73.20 -22.78
CA TYR A 40 6.84 72.07 -23.58
C TYR A 40 7.49 70.77 -23.11
N GLN A 41 6.99 70.24 -22.00
CA GLN A 41 7.52 69.00 -21.44
C GLN A 41 6.65 68.54 -20.28
N GLN A 42 5.58 67.80 -20.57
CA GLN A 42 4.67 67.30 -19.54
C GLN A 42 4.67 65.77 -19.52
N GLY A 43 5.64 65.18 -18.84
CA GLY A 43 5.74 63.72 -18.76
C GLY A 43 4.90 63.19 -17.60
N GLN A 44 5.52 63.06 -16.42
CA GLN A 44 4.80 62.56 -15.24
C GLN A 44 3.87 61.41 -15.61
N ASN A 45 4.40 60.19 -15.63
CA ASN A 45 3.59 59.03 -15.97
C ASN A 45 2.79 59.28 -17.25
N GLN A 46 3.39 58.94 -18.39
CA GLN A 46 2.73 59.14 -19.70
C GLN A 46 3.70 58.83 -20.84
N LEU A 47 4.90 59.39 -20.77
CA LEU A 47 5.89 59.16 -21.82
C LEU A 47 5.27 59.38 -23.19
N TYR A 48 4.25 60.23 -23.24
CA TYR A 48 3.57 60.53 -24.50
C TYR A 48 2.96 59.26 -25.12
N ASN A 49 3.17 58.13 -24.45
CA ASN A 49 2.64 56.86 -24.92
C ASN A 49 2.57 55.87 -23.77
N GLU A 50 1.34 55.43 -23.44
CA GLU A 50 1.15 54.47 -22.36
C GLU A 50 -0.06 53.58 -22.64
N LEU A 51 -1.17 54.19 -23.02
CA LEU A 51 -2.39 53.45 -23.33
C LEU A 51 -2.64 52.39 -22.27
N ASN A 52 -2.16 52.64 -21.06
CA ASN A 52 -2.34 51.69 -19.97
C ASN A 52 -1.76 50.33 -20.34
N LEU A 53 -0.64 50.35 -21.06
CA LEU A 53 0.02 49.11 -21.48
C LEU A 53 0.50 48.32 -20.27
N GLY A 54 0.92 49.04 -19.24
CA GLY A 54 1.41 48.38 -18.02
C GLY A 54 0.31 47.58 -17.32
N ARG A 55 -0.90 48.14 -17.31
CA ARG A 55 -2.03 47.46 -16.67
C ARG A 55 -2.62 46.42 -17.61
N ARG A 56 -1.94 45.30 -17.72
CA ARG A 56 -2.40 44.22 -18.58
C ARG A 56 -1.58 42.96 -18.34
N GLU A 57 -2.08 42.09 -17.48
CA GLU A 57 -1.39 40.84 -17.16
C GLU A 57 -2.25 39.97 -16.24
N GLU A 58 -2.23 40.29 -14.95
CA GLU A 58 -3.00 39.52 -13.97
C GLU A 58 -4.44 39.37 -14.43
N TYR A 59 -4.70 38.35 -15.24
CA TYR A 59 -6.07 38.09 -15.74
C TYR A 59 -6.45 36.63 -15.50
N ASP A 60 -6.32 36.19 -14.25
CA ASP A 60 -6.66 34.81 -13.89
C ASP A 60 -6.18 33.84 -14.97
N VAL A 61 -4.90 33.95 -15.33
CA VAL A 61 -4.33 33.08 -16.36
C VAL A 61 -4.02 31.70 -15.80
N LEU A 62 -4.39 31.48 -14.54
CA LEU A 62 -4.15 30.19 -13.87
C LEU A 62 -5.37 29.76 -13.06
N ASP A 63 -6.55 30.15 -13.53
CA ASP A 63 -7.79 29.79 -12.84
C ASP A 63 -7.74 30.23 -11.39
N LYS A 64 -7.01 31.32 -11.14
CA LYS A 64 -6.89 31.84 -9.78
C LYS A 64 -6.26 30.80 -8.86
N ARG A 65 -6.11 29.58 -9.37
CA ARG A 65 -5.51 28.51 -8.59
C ARG A 65 -5.24 27.29 -9.47
N ARG A 66 -4.21 26.53 -9.11
CA ARG A 66 -3.86 25.33 -9.86
C ARG A 66 -4.86 24.20 -9.57
N GLY A 67 -5.50 23.70 -10.63
CA GLY A 67 -6.48 22.63 -10.48
C GLY A 67 -7.07 22.26 -11.84
N ARG A 68 -8.17 22.93 -12.20
CA ARG A 68 -8.82 22.67 -13.48
C ARG A 68 -7.84 22.86 -14.64
N ASP A 69 -6.89 23.76 -14.44
CA ASP A 69 -5.88 24.05 -15.46
C ASP A 69 -6.53 24.67 -16.70
N PRO A 70 -5.83 25.54 -17.41
CA PRO A 70 -6.39 26.18 -18.64
C PRO A 70 -7.22 25.25 -19.51
N GLU A 71 -6.94 23.95 -19.40
CA GLU A 71 -7.65 22.95 -20.19
C GLU A 71 -7.11 21.56 -19.85
N VAL A 72 -8.02 20.59 -19.76
CA VAL A 72 -7.67 19.20 -19.47
C VAL A 72 -8.33 18.27 -20.46
N GLY A 73 -7.62 17.94 -21.52
CA GLY A 73 -8.14 17.03 -22.54
C GLY A 73 -7.96 15.57 -22.13
N GLY A 74 -8.09 15.30 -20.83
CA GLY A 74 -7.94 13.94 -20.32
C GLY A 74 -9.24 13.15 -20.49
N LYS A 75 -9.18 11.86 -20.16
CA LYS A 75 -10.35 10.99 -20.27
C LYS A 75 -9.99 9.55 -19.89
N PRO A 76 -8.90 9.05 -20.40
CA PRO A 76 -8.44 7.66 -20.11
C PRO A 76 -7.62 7.58 -18.82
N GLN A 77 -7.76 8.59 -17.97
CA GLN A 77 -7.03 8.62 -16.71
C GLN A 77 -7.43 7.45 -15.81
N ARG A 78 -8.60 6.90 -16.09
CA ARG A 78 -9.12 5.77 -15.31
C ARG A 78 -8.23 4.55 -15.47
N ARG A 79 -8.32 3.61 -14.53
CA ARG A 79 -7.53 2.37 -14.56
C ARG A 79 -6.04 2.70 -14.44
N LYS A 80 -5.58 2.90 -13.21
CA LYS A 80 -4.18 3.21 -12.96
C LYS A 80 -3.78 2.81 -11.54
N ASN A 81 -2.48 2.65 -11.35
CA ASN A 81 -1.94 2.28 -10.04
C ASN A 81 -2.60 0.99 -9.53
N PRO A 82 -2.22 0.51 -8.36
CA PRO A 82 -2.82 -0.73 -7.79
C PRO A 82 -4.34 -0.62 -7.64
N GLN A 83 -5.07 -1.62 -8.15
CA GLN A 83 -6.53 -1.61 -8.06
C GLN A 83 -7.08 -2.91 -8.66
N GLU A 84 -8.40 -2.98 -8.81
CA GLU A 84 -9.05 -4.16 -9.38
C GLU A 84 -8.77 -5.39 -8.53
N GLY A 85 -8.58 -5.17 -7.23
CA GLY A 85 -8.31 -6.28 -6.31
C GLY A 85 -9.52 -7.21 -6.23
N LEU A 86 -10.65 -6.79 -6.81
CA LEU A 86 -11.87 -7.61 -6.79
C LEU A 86 -11.87 -8.60 -7.96
N TYR A 87 -10.84 -8.53 -8.80
CA TYR A 87 -10.73 -9.44 -9.96
C TYR A 87 -9.64 -10.46 -9.71
N ASN A 88 -9.07 -10.45 -8.52
CA ASN A 88 -8.01 -11.40 -8.16
C ASN A 88 -6.99 -11.50 -9.30
N GLU A 89 -5.91 -10.73 -9.18
CA GLU A 89 -4.87 -10.73 -10.20
C GLU A 89 -3.84 -11.83 -9.91
N LEU A 90 -4.10 -12.63 -8.88
CA LEU A 90 -3.19 -13.71 -8.50
C LEU A 90 -3.91 -15.06 -8.55
N GLN A 91 -5.22 -15.02 -8.82
CA GLN A 91 -6.02 -16.24 -8.89
C GLN A 91 -5.86 -17.08 -7.62
N LYS A 92 -6.92 -17.16 -6.82
CA LYS A 92 -6.88 -17.93 -5.58
C LYS A 92 -7.03 -19.42 -5.87
N ASP A 93 -5.98 -20.03 -6.39
CA ASP A 93 -6.02 -21.45 -6.70
C ASP A 93 -4.63 -21.92 -7.12
N LYS A 94 -4.49 -23.24 -7.22
CA LYS A 94 -3.21 -23.84 -7.60
C LYS A 94 -2.17 -23.60 -6.51
N VAL A 95 -2.61 -22.96 -5.42
CA VAL A 95 -1.72 -22.65 -4.30
C VAL A 95 -2.29 -23.15 -2.97
N ALA A 96 -3.10 -24.20 -3.01
CA ALA A 96 -3.70 -24.74 -1.80
C ALA A 96 -4.67 -23.74 -1.19
N GLU A 97 -5.80 -24.24 -0.66
CA GLU A 97 -6.80 -23.39 -0.06
C GLU A 97 -7.27 -23.97 1.26
N ALA A 98 -6.49 -23.73 2.32
CA ALA A 98 -6.84 -24.25 3.63
C ALA A 98 -7.06 -25.76 3.56
N TYR A 99 -6.57 -26.36 2.48
CA TYR A 99 -6.72 -27.81 2.29
C TYR A 99 -5.67 -28.55 3.12
N SER A 100 -5.95 -28.73 4.41
CA SER A 100 -5.04 -29.43 5.31
C SER A 100 -3.60 -29.04 5.02
N GLU A 101 -3.41 -27.87 4.40
CA GLU A 101 -2.07 -27.38 4.07
C GLU A 101 -1.81 -26.06 4.80
N ILE A 102 -2.21 -26.01 6.07
CA ILE A 102 -2.01 -24.81 6.87
C ILE A 102 -0.54 -24.57 7.17
N GLY A 103 0.23 -25.65 7.15
CA GLY A 103 1.66 -25.56 7.42
C GLY A 103 2.42 -26.60 6.59
N VAL A 104 3.54 -27.07 7.13
CA VAL A 104 4.35 -28.07 6.45
C VAL A 104 5.49 -28.53 7.33
N LYS A 105 5.16 -29.31 8.33
CA LYS A 105 6.15 -29.83 9.26
C LYS A 105 6.97 -28.68 9.85
N GLY A 106 6.36 -27.94 10.76
CA GLY A 106 7.03 -26.81 11.41
C GLY A 106 8.23 -27.29 12.22
N GLU A 107 8.76 -26.42 13.08
CA GLU A 107 9.92 -26.76 13.91
C GLU A 107 9.81 -26.08 15.27
N ARG A 108 10.06 -26.86 16.32
CA ARG A 108 9.99 -26.33 17.68
C ARG A 108 10.81 -27.20 18.63
N ARG A 109 10.24 -28.32 19.05
CA ARG A 109 10.92 -29.24 19.96
C ARG A 109 11.71 -28.48 21.02
N ARG A 110 11.08 -28.24 22.17
CA ARG A 110 11.74 -27.52 23.26
C ARG A 110 12.37 -28.50 24.25
N GLY A 111 12.23 -29.79 23.96
CA GLY A 111 12.79 -30.83 24.82
C GLY A 111 11.83 -32.02 24.95
N LYS A 112 12.30 -33.22 24.67
CA LYS A 112 11.47 -34.42 24.77
C LYS A 112 10.07 -34.17 24.21
N GLY A 113 9.91 -34.35 22.90
CA GLY A 113 8.61 -34.13 22.27
C GLY A 113 8.57 -34.79 20.89
N HIS A 114 8.73 -36.11 20.86
CA HIS A 114 8.70 -36.84 19.61
C HIS A 114 8.55 -38.34 19.86
N ASP A 115 7.49 -38.94 19.31
CA ASP A 115 7.25 -40.37 19.48
C ASP A 115 6.29 -40.88 18.41
N GLY A 116 6.52 -42.10 17.92
CA GLY A 116 5.65 -42.67 16.89
C GLY A 116 6.36 -43.81 16.17
N LEU A 117 6.58 -43.62 14.87
CA LEU A 117 7.24 -44.64 14.06
C LEU A 117 6.47 -45.96 14.14
N TYR A 118 5.48 -46.11 13.27
CA TYR A 118 4.67 -47.33 13.24
C TYR A 118 4.17 -47.68 14.65
N GLN A 119 4.38 -46.77 15.59
CA GLN A 119 3.95 -46.97 16.97
C GLN A 119 4.61 -48.23 17.54
N GLY A 120 5.22 -48.11 18.72
CA GLY A 120 5.89 -49.25 19.35
C GLY A 120 4.86 -50.27 19.85
N LEU A 121 5.26 -51.54 19.85
CA LEU A 121 4.37 -52.63 20.30
C LEU A 121 4.83 -53.16 21.66
N SER A 122 5.87 -52.54 22.22
CA SER A 122 6.39 -52.97 23.52
C SER A 122 6.73 -54.45 23.51
N THR A 123 7.85 -54.78 22.86
CA THR A 123 8.30 -56.17 22.77
C THR A 123 9.59 -56.35 23.56
N ALA A 124 10.18 -55.24 23.98
CA ALA A 124 11.42 -55.27 24.74
C ALA A 124 11.21 -55.95 26.09
N THR A 125 9.98 -55.88 26.60
CA THR A 125 9.65 -56.50 27.89
C THR A 125 8.18 -56.30 28.22
N LYS A 126 7.79 -56.75 29.41
CA LYS A 126 6.41 -56.62 29.85
C LYS A 126 5.45 -57.15 28.79
N ASP A 127 5.86 -58.23 28.11
CA ASP A 127 5.04 -58.83 27.07
C ASP A 127 5.08 -60.35 27.15
N THR A 128 6.27 -60.90 27.01
CA THR A 128 6.46 -62.35 27.07
C THR A 128 5.45 -63.06 26.16
N TYR A 129 5.94 -63.52 25.01
CA TYR A 129 5.08 -64.22 24.06
C TYR A 129 4.47 -65.46 24.70
N ASP A 130 5.30 -66.23 25.41
CA ASP A 130 4.83 -67.44 26.08
C ASP A 130 5.74 -67.79 27.26
N ALA A 131 6.04 -66.80 28.09
CA ALA A 131 6.89 -67.02 29.26
C ALA A 131 8.30 -67.44 28.84
N LEU A 132 9.31 -66.99 29.60
CA LEU A 132 10.68 -67.34 29.30
C LEU A 132 11.57 -67.12 30.52
N HIS A 133 11.47 -68.02 31.49
CA HIS A 133 12.28 -67.91 32.70
C HIS A 133 12.41 -69.28 33.37
N VAL A 134 13.60 -69.57 33.87
CA VAL A 134 13.87 -70.84 34.55
C VAL A 134 14.41 -70.60 35.96
N GLN A 135 13.99 -69.51 36.58
CA GLN A 135 14.44 -69.18 37.93
C GLN A 135 13.69 -67.95 38.44
N ALA A 136 13.24 -68.01 39.69
CA ALA A 136 12.53 -66.90 40.29
C ALA A 136 12.67 -66.94 41.81
N LEU A 137 12.96 -65.79 42.42
CA LEU A 137 13.13 -65.72 43.86
C LEU A 137 12.68 -64.33 44.35
N PRO A 138 11.40 -64.06 44.27
CA PRO A 138 10.83 -62.75 44.70
C PRO A 138 11.39 -62.29 46.06
N PRO A 139 12.28 -61.32 46.08
CA PRO A 139 12.87 -60.83 47.34
C PRO A 139 11.94 -59.88 48.10
N ARG A 140 12.12 -59.81 49.42
CA ARG A 140 11.28 -58.94 50.26
C ARG A 140 11.02 -57.61 49.55
N PHE A 31 -1.01 90.41 -17.14
CA PHE A 31 -2.27 90.40 -17.95
C PHE A 31 -3.14 89.23 -17.51
N SER A 32 -2.87 88.71 -16.32
CA SER A 32 -3.64 87.58 -15.80
C SER A 32 -3.60 86.41 -16.76
N ARG A 33 -4.36 85.36 -16.45
CA ARG A 33 -4.40 84.16 -17.29
C ARG A 33 -5.78 83.51 -17.22
N SER A 34 -5.87 82.27 -17.68
CA SER A 34 -7.13 81.54 -17.66
C SER A 34 -8.19 82.29 -18.49
N ALA A 35 -9.04 81.54 -19.16
CA ALA A 35 -10.10 82.14 -19.98
C ALA A 35 -9.52 82.78 -21.24
N ASP A 36 -8.19 82.82 -21.31
CA ASP A 36 -7.50 83.40 -22.46
C ASP A 36 -6.49 82.41 -23.03
N ALA A 37 -6.80 81.11 -22.97
CA ALA A 37 -5.89 80.08 -23.48
C ALA A 37 -6.70 78.96 -24.16
N PRO A 38 -6.05 78.16 -25.00
CA PRO A 38 -6.72 77.04 -25.71
C PRO A 38 -7.09 75.90 -24.75
N ALA A 39 -6.58 75.98 -23.52
CA ALA A 39 -6.85 74.94 -22.52
C ALA A 39 -6.78 73.57 -23.15
N TYR A 40 -5.72 73.32 -23.94
CA TYR A 40 -5.54 72.03 -24.62
C TYR A 40 -4.34 71.27 -24.03
N GLN A 41 -4.10 71.46 -22.74
CA GLN A 41 -2.99 70.80 -22.07
C GLN A 41 -3.03 71.08 -20.58
N GLN A 42 -3.78 70.27 -19.84
CA GLN A 42 -3.90 70.44 -18.40
C GLN A 42 -4.84 69.39 -17.81
N GLY A 43 -4.40 68.75 -16.72
CA GLY A 43 -5.22 67.73 -16.07
C GLY A 43 -5.39 66.51 -16.97
N GLN A 44 -5.31 65.31 -16.38
CA GLN A 44 -5.47 64.08 -17.15
C GLN A 44 -4.46 64.04 -18.30
N ASN A 45 -3.48 63.14 -18.22
CA ASN A 45 -2.47 63.01 -19.27
C ASN A 45 -2.02 64.39 -19.76
N GLN A 46 -0.98 64.94 -19.14
CA GLN A 46 -0.48 66.25 -19.53
C GLN A 46 0.27 66.14 -20.85
N LEU A 47 -0.47 65.92 -21.93
CA LEU A 47 0.12 65.81 -23.25
C LEU A 47 -0.95 65.57 -24.32
N TYR A 48 -1.81 64.56 -24.10
CA TYR A 48 -2.89 64.24 -25.04
C TYR A 48 -2.41 63.22 -26.08
N ASN A 49 -1.09 63.14 -26.23
CA ASN A 49 -0.50 62.20 -27.20
C ASN A 49 0.18 61.04 -26.47
N GLU A 50 -0.04 60.94 -25.16
CA GLU A 50 0.56 59.87 -24.37
C GLU A 50 -0.36 58.66 -24.34
N LEU A 51 -1.57 58.86 -23.84
CA LEU A 51 -2.55 57.76 -23.75
C LEU A 51 -1.94 56.58 -23.00
N ASN A 52 -1.66 56.80 -21.72
CA ASN A 52 -1.09 55.76 -20.86
C ASN A 52 -2.04 54.58 -20.76
N LEU A 53 -1.86 53.61 -21.65
CA LEU A 53 -2.72 52.42 -21.66
C LEU A 53 -2.01 51.27 -20.95
N GLY A 54 -1.67 51.49 -19.68
CA GLY A 54 -0.99 50.45 -18.90
C GLY A 54 -1.84 49.20 -18.83
N ARG A 55 -1.35 48.18 -18.12
CA ARG A 55 -2.08 46.93 -17.98
C ARG A 55 -2.27 46.28 -19.35
N ARG A 56 -1.18 45.77 -19.91
CA ARG A 56 -1.24 45.11 -21.21
C ARG A 56 -0.06 44.16 -21.38
N GLU A 57 -0.31 42.87 -21.16
CA GLU A 57 0.74 41.86 -21.29
C GLU A 57 0.15 40.46 -21.18
N GLU A 58 -0.26 40.09 -19.97
CA GLU A 58 -0.84 38.76 -19.74
C GLU A 58 -1.89 38.83 -18.62
N TYR A 59 -3.09 38.33 -18.89
CA TYR A 59 -4.17 38.35 -17.91
C TYR A 59 -5.17 37.23 -18.21
N ASP A 60 -5.47 36.40 -17.20
CA ASP A 60 -6.41 35.30 -17.39
C ASP A 60 -6.01 34.43 -18.57
N VAL A 61 -4.73 34.50 -18.97
CA VAL A 61 -4.22 33.70 -20.09
C VAL A 61 -3.49 32.46 -19.57
N LEU A 62 -3.61 32.20 -18.28
CA LEU A 62 -2.95 31.04 -17.66
C LEU A 62 -3.73 30.58 -16.42
N ASP A 63 -4.91 31.15 -16.22
CA ASP A 63 -5.74 30.80 -15.06
C ASP A 63 -4.98 31.05 -13.77
N LYS A 64 -5.53 31.91 -12.91
CA LYS A 64 -4.88 32.23 -11.63
C LYS A 64 -4.46 30.95 -10.92
N ARG A 65 -5.05 29.84 -11.34
CA ARG A 65 -4.75 28.54 -10.73
C ARG A 65 -4.92 27.41 -11.74
N ARG A 66 -4.24 26.30 -11.51
CA ARG A 66 -4.34 25.15 -12.40
C ARG A 66 -5.82 24.82 -12.64
N GLY A 67 -6.20 24.70 -13.92
CA GLY A 67 -7.58 24.40 -14.28
C GLY A 67 -7.69 22.98 -14.85
N ARG A 68 -7.19 22.80 -16.06
CA ARG A 68 -7.23 21.49 -16.73
C ARG A 68 -5.85 21.14 -17.26
N ASP A 69 -5.02 20.53 -16.42
CA ASP A 69 -3.68 20.14 -16.81
C ASP A 69 -3.68 19.52 -18.21
N PRO A 70 -2.55 19.50 -18.89
CA PRO A 70 -2.45 18.91 -20.27
C PRO A 70 -2.63 17.40 -20.25
N GLU A 71 -3.24 16.88 -19.19
CA GLU A 71 -3.47 15.44 -19.07
C GLU A 71 -4.71 15.19 -18.22
N VAL A 72 -5.76 14.69 -18.87
CA VAL A 72 -7.02 14.39 -18.17
C VAL A 72 -7.46 12.97 -18.47
N GLY A 73 -6.88 12.02 -17.76
CA GLY A 73 -7.23 10.61 -17.96
C GLY A 73 -8.69 10.35 -17.60
N GLY A 74 -9.10 10.82 -16.44
CA GLY A 74 -10.49 10.63 -15.99
C GLY A 74 -10.68 9.22 -15.45
N LYS A 75 -9.69 8.36 -15.68
CA LYS A 75 -9.75 6.98 -15.19
C LYS A 75 -8.94 6.81 -13.90
N PRO A 76 -7.86 7.55 -13.74
CA PRO A 76 -7.01 7.45 -12.50
C PRO A 76 -7.82 7.72 -11.24
N GLN A 77 -8.96 8.36 -11.41
CA GLN A 77 -9.83 8.70 -10.27
C GLN A 77 -9.84 7.57 -9.23
N ARG A 78 -9.83 6.33 -9.72
CA ARG A 78 -9.83 5.17 -8.84
C ARG A 78 -9.02 4.04 -9.45
N ARG A 79 -8.45 3.18 -8.60
CA ARG A 79 -7.66 2.05 -9.08
C ARG A 79 -7.57 0.97 -8.03
N LYS A 80 -8.12 1.26 -6.85
CA LYS A 80 -8.10 0.29 -5.77
C LYS A 80 -9.19 0.66 -4.74
N ASN A 81 -10.21 -0.20 -4.59
CA ASN A 81 -11.29 0.07 -3.65
C ASN A 81 -11.37 -1.07 -2.60
N PRO A 82 -12.28 -0.99 -1.65
CA PRO A 82 -12.44 -2.06 -0.61
C PRO A 82 -12.85 -3.41 -1.22
N GLN A 83 -12.70 -3.55 -2.55
CA GLN A 83 -13.06 -4.80 -3.24
C GLN A 83 -11.91 -5.26 -4.13
N GLU A 84 -12.16 -6.30 -4.91
CA GLU A 84 -11.14 -6.85 -5.81
C GLU A 84 -9.92 -7.28 -5.01
N GLY A 85 -10.17 -7.90 -3.86
CA GLY A 85 -9.06 -8.36 -3.02
C GLY A 85 -8.40 -9.60 -3.61
N LEU A 86 -8.97 -10.77 -3.32
CA LEU A 86 -8.42 -12.02 -3.85
C LEU A 86 -8.24 -11.94 -5.35
N TYR A 87 -8.79 -10.88 -5.94
CA TYR A 87 -8.68 -10.67 -7.38
C TYR A 87 -7.23 -10.44 -7.78
N ASN A 88 -6.38 -10.19 -6.79
CA ASN A 88 -4.96 -9.95 -7.04
C ASN A 88 -4.15 -10.17 -5.79
N GLU A 89 -4.38 -9.34 -4.77
CA GLU A 89 -3.66 -9.45 -3.53
C GLU A 89 -3.87 -10.84 -2.91
N LEU A 90 -2.77 -11.58 -2.71
CA LEU A 90 -2.86 -12.92 -2.13
C LEU A 90 -3.37 -13.93 -3.16
N GLN A 91 -3.20 -13.60 -4.44
CA GLN A 91 -3.66 -14.49 -5.52
C GLN A 91 -2.49 -15.36 -6.00
N LYS A 92 -2.06 -16.28 -5.14
CA LYS A 92 -0.95 -17.17 -5.49
C LYS A 92 -1.07 -18.51 -4.74
N ASP A 93 -2.03 -18.59 -3.84
CA ASP A 93 -2.24 -19.81 -3.06
C ASP A 93 -0.99 -20.16 -2.28
N LYS A 94 -0.66 -19.34 -1.29
CA LYS A 94 0.54 -19.57 -0.45
C LYS A 94 0.18 -20.33 0.82
N VAL A 95 -1.11 -20.29 1.18
CA VAL A 95 -1.58 -20.96 2.39
C VAL A 95 -2.68 -21.98 2.02
N ALA A 96 -2.51 -22.63 0.88
CA ALA A 96 -3.50 -23.62 0.43
C ALA A 96 -4.88 -22.98 0.27
N GLU A 97 -4.96 -21.68 0.53
CA GLU A 97 -6.21 -20.94 0.41
C GLU A 97 -7.39 -21.81 0.88
N ALA A 98 -7.11 -22.73 1.79
CA ALA A 98 -8.14 -23.62 2.32
C ALA A 98 -8.48 -24.70 1.29
N TYR A 99 -7.45 -25.33 0.73
CA TYR A 99 -7.63 -26.40 -0.24
C TYR A 99 -7.03 -27.69 0.29
N SER A 100 -7.36 -27.98 1.54
CA SER A 100 -6.87 -29.19 2.18
C SER A 100 -7.43 -29.34 3.59
N GLU A 101 -7.05 -28.43 4.47
CA GLU A 101 -7.52 -28.46 5.86
C GLU A 101 -6.87 -27.32 6.66
N ILE A 102 -5.58 -27.14 6.47
CA ILE A 102 -4.84 -26.08 7.18
C ILE A 102 -4.96 -26.30 8.70
N GLY A 103 -5.66 -27.35 9.10
CA GLY A 103 -5.85 -27.66 10.52
C GLY A 103 -5.21 -29.00 10.85
N VAL A 104 -3.95 -28.97 11.28
CA VAL A 104 -3.22 -30.20 11.65
C VAL A 104 -2.86 -30.16 13.13
N LYS A 105 -3.88 -30.26 13.96
CA LYS A 105 -3.69 -30.25 15.41
C LYS A 105 -3.13 -28.90 15.88
N GLY A 106 -2.82 -28.04 14.92
CA GLY A 106 -2.29 -26.72 15.23
C GLY A 106 -1.08 -26.84 16.15
N GLU A 107 -1.30 -26.78 17.46
CA GLU A 107 -0.19 -26.89 18.40
C GLU A 107 -0.74 -27.12 19.83
N ARG A 108 -0.25 -26.32 20.78
CA ARG A 108 -0.70 -26.45 22.16
C ARG A 108 -0.51 -27.89 22.65
N ARG A 109 0.43 -28.09 23.56
CA ARG A 109 0.70 -29.42 24.11
C ARG A 109 1.01 -29.32 25.60
N ARG A 110 0.33 -30.14 26.39
CA ARG A 110 0.53 -30.16 27.84
C ARG A 110 0.89 -31.56 28.32
N GLY A 111 1.15 -32.46 27.36
CA GLY A 111 1.52 -33.84 27.70
C GLY A 111 0.27 -34.68 27.94
N LYS A 112 -0.49 -34.94 26.88
CA LYS A 112 -1.71 -35.75 26.99
C LYS A 112 -1.74 -36.82 25.90
N GLY A 113 -1.06 -37.94 26.15
CA GLY A 113 -1.02 -39.03 25.20
C GLY A 113 0.17 -39.94 25.46
N HIS A 114 1.29 -39.64 24.82
CA HIS A 114 2.51 -40.44 24.99
C HIS A 114 2.21 -41.92 24.76
N ASP A 115 1.46 -42.21 23.71
CA ASP A 115 1.11 -43.59 23.37
C ASP A 115 0.89 -43.74 21.87
N GLY A 116 1.51 -44.77 21.27
CA GLY A 116 1.37 -44.99 19.84
C GLY A 116 2.19 -46.20 19.41
N LEU A 117 3.08 -45.99 18.43
CA LEU A 117 3.93 -47.06 17.94
C LEU A 117 3.16 -48.36 17.81
N TYR A 118 1.83 -48.24 17.74
CA TYR A 118 0.96 -49.42 17.61
C TYR A 118 1.49 -50.58 18.43
N GLN A 119 0.97 -50.73 19.64
CA GLN A 119 1.39 -51.82 20.53
C GLN A 119 2.86 -51.62 20.93
N GLY A 120 3.23 -52.12 22.11
CA GLY A 120 4.60 -51.99 22.58
C GLY A 120 5.53 -52.92 21.81
N LEU A 121 6.82 -52.90 22.16
CA LEU A 121 7.80 -53.74 21.48
C LEU A 121 7.85 -55.11 22.15
N SER A 122 7.78 -56.16 21.33
CA SER A 122 7.83 -57.53 21.85
C SER A 122 7.55 -58.53 20.73
N THR A 123 6.83 -58.08 19.72
CA THR A 123 6.49 -58.93 18.57
C THR A 123 5.64 -60.11 19.03
N ALA A 124 6.27 -61.04 19.75
CA ALA A 124 5.56 -62.22 20.25
C ALA A 124 6.26 -62.77 21.49
N THR A 125 6.53 -61.89 22.45
CA THR A 125 7.20 -62.29 23.71
C THR A 125 6.29 -62.04 24.90
N LYS A 126 5.09 -61.54 24.63
CA LYS A 126 4.13 -61.26 25.69
C LYS A 126 3.85 -62.51 26.51
N ASP A 127 4.59 -62.65 27.62
CA ASP A 127 4.41 -63.81 28.50
C ASP A 127 4.50 -65.10 27.69
N THR A 128 5.41 -65.12 26.72
CA THR A 128 5.60 -66.31 25.87
C THR A 128 7.09 -66.66 25.79
N TYR A 129 7.36 -67.87 25.32
CA TYR A 129 8.74 -68.34 25.18
C TYR A 129 9.46 -68.26 26.52
N ASP A 130 9.16 -69.20 27.40
CA ASP A 130 9.78 -69.23 28.72
C ASP A 130 9.56 -67.91 29.45
N ALA A 131 8.56 -67.15 29.01
CA ALA A 131 8.26 -65.87 29.63
C ALA A 131 9.55 -65.12 29.98
N LEU A 132 10.60 -65.35 29.20
CA LEU A 132 11.88 -64.71 29.43
C LEU A 132 12.36 -64.92 30.86
N HIS A 133 11.61 -65.71 31.61
CA HIS A 133 11.96 -66.01 33.00
C HIS A 133 11.03 -67.10 33.54
N VAL A 134 11.55 -67.88 34.47
CA VAL A 134 10.76 -68.95 35.08
C VAL A 134 11.34 -69.32 36.44
N GLN A 135 10.46 -69.52 37.41
CA GLN A 135 10.87 -69.87 38.76
C GLN A 135 11.52 -68.68 39.44
N ALA A 136 10.79 -67.57 39.52
CA ALA A 136 11.32 -66.35 40.15
C ALA A 136 11.63 -66.61 41.62
N LEU A 137 10.77 -67.40 42.26
CA LEU A 137 10.95 -67.75 43.68
C LEU A 137 10.61 -66.55 44.57
N PRO A 138 10.22 -66.78 45.81
CA PRO A 138 9.92 -65.67 46.76
C PRO A 138 10.99 -64.55 46.70
N PRO A 139 10.87 -63.53 47.51
CA PRO A 139 11.87 -62.41 47.55
C PRO A 139 13.27 -62.87 48.00
N ARG A 140 14.31 -62.18 47.51
CA ARG A 140 15.69 -62.51 47.87
C ARG A 140 15.89 -64.01 48.05
#